data_8YO1
#
_entry.id   8YO1
#
_cell.length_a   1.00
_cell.length_b   1.00
_cell.length_c   1.00
_cell.angle_alpha   90.00
_cell.angle_beta   90.00
_cell.angle_gamma   90.00
#
_symmetry.space_group_name_H-M   'P 1'
#
loop_
_entity.id
_entity.type
_entity.pdbx_description
1 polymer 'DNA topoisomerase (ATP-hydrolyzing)'
2 non-polymer 'PHOSPHOAMINOPHOSPHONIC ACID-ADENYLATE ESTER'
3 non-polymer 'MAGNESIUM ION'
#
_entity_poly.entity_id   1
_entity_poly.type   'polypeptide(L)'
_entity_poly.pdbx_seq_one_letter_code
;MIKNEIKILSDIEHIKKRSGMYIGSSANEMHERFLFGKWESVQYVPGLVKLIDEIIDNSVDEGIRTKFKFANKINVTIKN
NQVTVEDNGRGIPQAMVKTPTGEEIPGPVAAWTIPKAGGNFGDDKERVTGGMNGVGSSLTNIFSVMFVGETGDGQNNIVV
RCSNGMENKSWETIPGKWKGTRVTFIPDFMSFETNELSQVYLDITLDRLQTLAVVYPDIQFTFNGKKVQGNFKKYARQYD
EHAIVQEQENCSIAVGRSPDGFRQLTYVNNIHTKNGGHHIDCVMDDICEDLIPQIKRKFKIDVTKARVKECLTIVMFVRD
MKNMRFDSQTKERLTSPFGEIRSHIQLDAKKISRAILNNEAILMPIIEAALARKLAAEKAAETKAAKKASKAKVHKHIKA
NLCGKDADTTLFLTEGDSAIGYLIDVRDKELHGGYPLRGKVLNSWGMSYADMLKNKELFDICAITGLVLGEKAENLNYHN
IAIMTDADHDGLGSIYPSLLGFFSNWPELFEQGRIRFVKTPVIIAHVGKKQEWFYTVAEYESAKDALPKHSIRYIKGLGS
LEKSEYREMIQNPVYDVVKLPENWKELFEMLMGDNADLRKEWMSQHHHHHH
;
_entity_poly.pdbx_strand_id   C,D
#
loop_
_chem_comp.id
_chem_comp.type
_chem_comp.name
_chem_comp.formula
ANP non-polymer 'PHOSPHOAMINOPHOSPHONIC ACID-ADENYLATE ESTER' 'C10 H17 N6 O12 P3'
MG non-polymer 'MAGNESIUM ION' 'Mg 2'
#
# COMPACT_ATOMS: atom_id res chain seq x y z
N MET A 1 -29.54 -8.79 13.42
CA MET A 1 -28.47 -9.61 12.90
C MET A 1 -28.04 -9.13 11.51
N ILE A 2 -26.72 -9.13 11.28
CA ILE A 2 -26.20 -8.68 9.99
C ILE A 2 -26.52 -9.70 8.92
N LYS A 3 -27.08 -9.24 7.81
CA LYS A 3 -27.46 -10.11 6.70
C LYS A 3 -26.21 -10.48 5.91
N ASN A 4 -25.76 -11.73 6.08
CA ASN A 4 -24.60 -12.23 5.34
C ASN A 4 -25.11 -12.90 4.07
N GLU A 5 -25.24 -12.11 3.01
CA GLU A 5 -25.67 -12.58 1.71
C GLU A 5 -24.51 -12.42 0.73
N ILE A 6 -24.05 -13.54 0.17
CA ILE A 6 -22.90 -13.52 -0.72
C ILE A 6 -23.34 -12.95 -2.06
N LYS A 7 -22.73 -11.84 -2.47
CA LYS A 7 -23.05 -11.18 -3.72
C LYS A 7 -21.98 -11.45 -4.77
N ILE A 8 -22.29 -11.07 -6.00
CA ILE A 8 -21.37 -11.15 -7.13
C ILE A 8 -21.19 -9.75 -7.69
N LEU A 9 -19.96 -9.41 -8.06
CA LEU A 9 -19.64 -8.08 -8.54
C LEU A 9 -18.96 -8.15 -9.90
N SER A 10 -19.29 -7.17 -10.75
CA SER A 10 -18.62 -6.98 -12.03
C SER A 10 -17.38 -6.14 -11.82
N ASP A 11 -16.49 -6.17 -12.82
CA ASP A 11 -15.22 -5.48 -12.71
C ASP A 11 -15.37 -3.98 -12.47
N ILE A 12 -16.16 -3.32 -13.30
CA ILE A 12 -16.42 -1.89 -13.17
C ILE A 12 -17.10 -1.63 -11.84
N GLU A 13 -18.11 -2.46 -11.53
CA GLU A 13 -18.84 -2.30 -10.27
C GLU A 13 -17.94 -2.56 -9.06
N HIS A 14 -17.09 -3.57 -9.13
CA HIS A 14 -16.18 -3.84 -8.03
C HIS A 14 -15.20 -2.69 -7.84
N ILE A 15 -14.67 -2.15 -8.94
CA ILE A 15 -13.71 -1.05 -8.85
C ILE A 15 -14.38 0.18 -8.25
N LYS A 16 -15.60 0.50 -8.71
CA LYS A 16 -16.30 1.66 -8.15
C LYS A 16 -16.63 1.45 -6.67
N LYS A 17 -17.02 0.23 -6.30
CA LYS A 17 -17.35 -0.05 -4.91
C LYS A 17 -16.12 -0.15 -4.02
N ARG A 18 -14.98 -0.52 -4.59
CA ARG A 18 -13.76 -0.80 -3.83
C ARG A 18 -12.59 -0.02 -4.40
N SER A 19 -12.80 1.28 -4.63
CA SER A 19 -11.76 2.11 -5.22
C SER A 19 -10.52 2.23 -4.34
N GLY A 20 -10.67 2.05 -3.03
CA GLY A 20 -9.53 2.22 -2.14
C GLY A 20 -8.38 1.28 -2.46
N MET A 21 -8.69 0.06 -2.91
CA MET A 21 -7.64 -0.88 -3.28
C MET A 21 -6.94 -0.48 -4.57
N TYR A 22 -7.60 0.29 -5.44
CA TYR A 22 -7.12 0.49 -6.79
C TYR A 22 -6.55 1.88 -7.06
N ILE A 23 -6.78 2.86 -6.19
CA ILE A 23 -6.18 4.17 -6.37
C ILE A 23 -5.56 4.65 -5.06
N GLY A 24 -5.39 3.74 -4.12
CA GLY A 24 -4.97 4.14 -2.79
C GLY A 24 -6.10 4.81 -2.03
N SER A 25 -5.73 5.80 -1.22
CA SER A 25 -6.73 6.53 -0.46
C SER A 25 -7.63 7.32 -1.40
N SER A 26 -8.78 7.75 -0.86
CA SER A 26 -9.72 8.55 -1.63
C SER A 26 -10.27 9.73 -0.83
N ALA A 27 -9.63 10.07 0.29
CA ALA A 27 -10.03 11.20 1.12
C ALA A 27 -8.84 12.13 1.30
N ASN A 28 -9.11 13.43 1.33
CA ASN A 28 -8.05 14.41 1.47
C ASN A 28 -7.28 14.18 2.77
N GLU A 29 -5.96 14.26 2.68
CA GLU A 29 -5.09 13.97 3.81
C GLU A 29 -3.84 14.85 3.71
N MET A 30 -3.08 14.86 4.80
CA MET A 30 -1.86 15.65 4.93
C MET A 30 -0.65 14.77 4.71
N HIS A 31 0.35 15.32 4.03
CA HIS A 31 1.60 14.64 3.75
C HIS A 31 2.72 15.67 3.75
N GLU A 32 3.95 15.19 3.60
CA GLU A 32 5.13 16.03 3.59
C GLU A 32 5.96 15.78 2.34
N ARG A 33 5.30 15.80 1.17
CA ARG A 33 5.99 15.53 -0.08
C ARG A 33 7.04 16.60 -0.37
N PHE A 34 8.08 16.18 -1.08
CA PHE A 34 9.11 17.11 -1.54
C PHE A 34 8.61 17.93 -2.71
N LEU A 35 8.00 19.08 -2.43
CA LEU A 35 7.49 19.95 -3.47
C LEU A 35 8.59 20.91 -3.92
N PHE A 36 9.07 20.70 -5.16
CA PHE A 36 10.10 21.55 -5.76
C PHE A 36 11.37 21.59 -4.91
N GLY A 37 11.71 20.47 -4.27
CA GLY A 37 12.89 20.40 -3.45
C GLY A 37 12.71 20.88 -2.02
N LYS A 38 11.50 21.25 -1.62
CA LYS A 38 11.23 21.72 -0.27
C LYS A 38 10.30 20.74 0.43
N TRP A 39 10.68 20.35 1.65
CA TRP A 39 9.91 19.39 2.45
C TRP A 39 8.78 20.14 3.13
N GLU A 40 7.77 20.50 2.34
CA GLU A 40 6.65 21.31 2.80
C GLU A 40 5.44 20.43 3.10
N SER A 41 4.52 21.01 3.87
CA SER A 41 3.27 20.32 4.20
C SER A 41 2.28 20.49 3.07
N VAL A 42 1.66 19.39 2.63
CA VAL A 42 0.74 19.38 1.51
C VAL A 42 -0.52 18.65 1.92
N GLN A 43 -1.66 19.16 1.47
CA GLN A 43 -2.95 18.52 1.71
C GLN A 43 -3.61 18.21 0.37
N TYR A 44 -3.91 16.95 0.13
CA TYR A 44 -4.45 16.57 -1.17
C TYR A 44 -5.10 15.19 -1.07
N VAL A 45 -5.75 14.79 -2.15
CA VAL A 45 -6.37 13.48 -2.30
C VAL A 45 -5.44 12.61 -3.13
N PRO A 46 -4.89 11.53 -2.59
CA PRO A 46 -4.00 10.67 -3.38
C PRO A 46 -4.69 10.07 -4.60
N GLY A 47 -6.00 9.92 -4.59
CA GLY A 47 -6.69 9.32 -5.73
C GLY A 47 -6.57 10.15 -6.99
N LEU A 48 -6.80 11.47 -6.88
CA LEU A 48 -6.75 12.33 -8.05
C LEU A 48 -5.34 12.42 -8.61
N VAL A 49 -4.35 12.62 -7.74
CA VAL A 49 -2.97 12.67 -8.19
C VAL A 49 -2.58 11.36 -8.83
N LYS A 50 -3.03 10.24 -8.25
CA LYS A 50 -2.74 8.94 -8.83
C LYS A 50 -3.36 8.79 -10.20
N LEU A 51 -4.60 9.25 -10.37
CA LEU A 51 -5.26 9.14 -11.67
C LEU A 51 -4.57 9.98 -12.74
N ILE A 52 -4.20 11.21 -12.39
CA ILE A 52 -3.47 12.06 -13.33
C ILE A 52 -2.14 11.42 -13.68
N ASP A 53 -1.42 10.94 -12.66
CA ASP A 53 -0.10 10.37 -12.88
C ASP A 53 -0.18 9.06 -13.63
N GLU A 54 -1.34 8.39 -13.63
CA GLU A 54 -1.50 7.20 -14.45
C GLU A 54 -1.34 7.53 -15.92
N ILE A 55 -2.06 8.56 -16.40
CA ILE A 55 -1.96 8.93 -17.81
C ILE A 55 -0.58 9.53 -18.11
N ILE A 56 -0.04 10.32 -17.18
CA ILE A 56 1.31 10.86 -17.41
C ILE A 56 2.32 9.73 -17.52
N ASP A 57 2.20 8.72 -16.65
CA ASP A 57 3.12 7.59 -16.68
C ASP A 57 2.90 6.75 -17.93
N ASN A 58 1.66 6.68 -18.43
CA ASN A 58 1.42 5.99 -19.70
C ASN A 58 2.16 6.70 -20.84
N SER A 59 2.12 8.03 -20.86
CA SER A 59 2.86 8.77 -21.88
C SER A 59 4.36 8.53 -21.74
N VAL A 60 4.88 8.55 -20.51
CA VAL A 60 6.31 8.32 -20.30
C VAL A 60 6.69 6.88 -20.70
N ASP A 61 5.80 5.93 -20.45
CA ASP A 61 6.04 4.55 -20.88
C ASP A 61 6.10 4.45 -22.39
N GLU A 62 5.19 5.15 -23.08
CA GLU A 62 5.25 5.18 -24.54
C GLU A 62 6.55 5.81 -25.01
N GLY A 63 7.03 6.82 -24.29
CA GLY A 63 8.32 7.40 -24.65
C GLY A 63 9.47 6.43 -24.47
N ILE A 64 9.50 5.72 -23.34
CA ILE A 64 10.66 4.87 -23.04
C ILE A 64 10.65 3.58 -23.87
N ARG A 65 9.48 3.02 -24.15
CA ARG A 65 9.42 1.77 -24.90
C ARG A 65 9.79 1.96 -26.36
N THR A 66 9.80 3.20 -26.87
CA THR A 66 10.25 3.49 -28.22
C THR A 66 11.66 4.06 -28.24
N LYS A 67 12.43 3.86 -27.15
CA LYS A 67 13.79 4.37 -27.02
C LYS A 67 13.84 5.88 -27.17
N PHE A 68 12.79 6.57 -26.71
CA PHE A 68 12.65 8.02 -26.72
C PHE A 68 12.59 8.61 -28.12
N LYS A 69 12.60 7.78 -29.17
CA LYS A 69 12.44 8.30 -30.53
C LYS A 69 11.04 8.89 -30.71
N PHE A 70 10.02 8.13 -30.34
CA PHE A 70 8.64 8.60 -30.35
C PHE A 70 8.20 8.91 -28.93
N ALA A 71 7.15 9.73 -28.83
CA ALA A 71 6.60 10.18 -27.54
C ALA A 71 7.67 10.88 -26.71
N ASN A 72 8.21 11.96 -27.27
CA ASN A 72 9.21 12.77 -26.60
C ASN A 72 8.78 14.21 -26.37
N LYS A 73 7.53 14.56 -26.71
CA LYS A 73 6.94 15.87 -26.39
C LYS A 73 5.60 15.60 -25.72
N ILE A 74 5.64 15.38 -24.40
CA ILE A 74 4.44 15.00 -23.64
C ILE A 74 3.86 16.30 -23.09
N ASN A 75 2.89 16.86 -23.81
CA ASN A 75 2.22 18.10 -23.42
C ASN A 75 1.11 17.76 -22.44
N VAL A 76 1.36 17.98 -21.15
CA VAL A 76 0.36 17.76 -20.11
C VAL A 76 -0.22 19.09 -19.69
N THR A 77 -1.54 19.24 -19.80
CA THR A 77 -2.23 20.44 -19.38
C THR A 77 -3.31 20.07 -18.38
N ILE A 78 -3.46 20.89 -17.34
CA ILE A 78 -4.49 20.70 -16.34
C ILE A 78 -5.10 22.07 -16.07
N LYS A 79 -6.35 22.26 -16.50
CA LYS A 79 -7.02 23.55 -16.37
C LYS A 79 -8.49 23.31 -16.07
N ASN A 80 -8.98 23.94 -14.99
CA ASN A 80 -10.40 23.92 -14.64
C ASN A 80 -10.91 22.48 -14.52
N ASN A 81 -10.38 21.79 -13.49
CA ASN A 81 -10.65 20.38 -13.19
C ASN A 81 -10.80 19.54 -14.44
N GLN A 82 -9.81 19.66 -15.33
CA GLN A 82 -9.75 18.88 -16.56
C GLN A 82 -8.30 18.54 -16.85
N VAL A 83 -8.04 17.27 -17.14
CA VAL A 83 -6.71 16.79 -17.49
C VAL A 83 -6.68 16.54 -18.98
N THR A 84 -5.56 16.89 -19.62
CA THR A 84 -5.43 16.74 -21.07
C THR A 84 -3.96 16.48 -21.39
N VAL A 85 -3.64 15.21 -21.65
CA VAL A 85 -2.29 14.77 -21.96
C VAL A 85 -2.18 14.53 -23.46
N GLU A 86 -1.06 14.94 -24.05
CA GLU A 86 -0.77 14.69 -25.44
C GLU A 86 0.62 14.11 -25.55
N ASP A 87 0.81 13.17 -26.48
CA ASP A 87 2.13 12.65 -26.79
C ASP A 87 2.17 12.21 -28.24
N ASN A 88 3.38 12.14 -28.79
CA ASN A 88 3.58 11.81 -30.20
C ASN A 88 4.12 10.40 -30.38
N GLY A 89 3.69 9.45 -29.54
CA GLY A 89 4.12 8.07 -29.66
C GLY A 89 3.38 7.34 -30.75
N ARG A 90 3.72 6.05 -30.88
CA ARG A 90 3.06 5.20 -31.87
C ARG A 90 1.56 5.08 -31.61
N GLY A 91 1.11 5.32 -30.39
CA GLY A 91 -0.30 5.25 -30.06
C GLY A 91 -0.80 3.82 -29.92
N ILE A 92 -2.09 3.72 -29.65
CA ILE A 92 -2.71 2.40 -29.50
C ILE A 92 -2.73 1.69 -30.85
N PRO A 93 -2.34 0.43 -30.94
CA PRO A 93 -2.48 -0.30 -32.21
C PRO A 93 -3.94 -0.44 -32.60
N GLN A 94 -4.19 -0.42 -33.91
CA GLN A 94 -5.52 -0.65 -34.45
C GLN A 94 -5.83 -2.13 -34.61
N ALA A 95 -4.86 -3.00 -34.35
CA ALA A 95 -5.06 -4.44 -34.51
C ALA A 95 -6.18 -4.93 -33.61
N MET A 96 -6.94 -5.91 -34.09
CA MET A 96 -8.10 -6.41 -33.39
C MET A 96 -7.68 -7.32 -32.24
N VAL A 97 -8.39 -7.22 -31.11
CA VAL A 97 -8.16 -8.06 -29.96
C VAL A 97 -9.50 -8.65 -29.52
N LYS A 98 -9.43 -9.80 -28.84
CA LYS A 98 -10.62 -10.59 -28.52
C LYS A 98 -10.81 -10.64 -27.01
N THR A 99 -12.02 -10.33 -26.56
CA THR A 99 -12.40 -10.41 -25.16
C THR A 99 -12.65 -11.87 -24.76
N PRO A 100 -12.59 -12.17 -23.45
CA PRO A 100 -12.89 -13.56 -23.02
C PRO A 100 -14.28 -14.01 -23.39
N THR A 101 -15.26 -13.09 -23.40
CA THR A 101 -16.61 -13.43 -23.82
C THR A 101 -16.72 -13.68 -25.32
N GLY A 102 -15.68 -13.36 -26.08
CA GLY A 102 -15.66 -13.54 -27.52
C GLY A 102 -16.00 -12.29 -28.30
N GLU A 103 -16.51 -11.25 -27.65
CA GLU A 103 -16.85 -10.03 -28.36
C GLU A 103 -15.59 -9.33 -28.86
N GLU A 104 -15.65 -8.81 -30.08
CA GLU A 104 -14.52 -8.18 -30.74
C GLU A 104 -14.49 -6.71 -30.36
N ILE A 105 -13.48 -6.31 -29.59
CA ILE A 105 -13.35 -4.94 -29.10
C ILE A 105 -12.00 -4.40 -29.56
N PRO A 106 -11.96 -3.26 -30.26
CA PRO A 106 -10.68 -2.73 -30.75
C PRO A 106 -9.75 -2.33 -29.61
N GLY A 107 -8.53 -1.96 -30.00
CA GLY A 107 -7.47 -1.65 -29.06
C GLY A 107 -7.75 -0.51 -28.11
N PRO A 108 -7.88 0.72 -28.64
CA PRO A 108 -8.03 1.88 -27.75
C PRO A 108 -9.24 1.80 -26.84
N VAL A 109 -10.37 1.30 -27.34
CA VAL A 109 -11.58 1.22 -26.52
C VAL A 109 -11.42 0.16 -25.44
N ALA A 110 -10.80 -0.98 -25.78
CA ALA A 110 -10.54 -1.99 -24.76
C ALA A 110 -9.60 -1.46 -23.69
N ALA A 111 -8.58 -0.70 -24.09
CA ALA A 111 -7.63 -0.16 -23.12
C ALA A 111 -8.28 0.88 -22.22
N TRP A 112 -9.12 1.75 -22.78
CA TRP A 112 -9.64 2.90 -22.05
C TRP A 112 -11.04 2.68 -21.49
N THR A 113 -11.61 1.48 -21.63
CA THR A 113 -12.95 1.21 -21.11
C THR A 113 -13.04 -0.01 -20.21
N ILE A 114 -12.14 -0.97 -20.31
CA ILE A 114 -12.20 -2.14 -19.44
C ILE A 114 -10.87 -2.30 -18.71
N PRO A 115 -10.88 -2.77 -17.46
CA PRO A 115 -9.64 -3.00 -16.72
C PRO A 115 -9.01 -4.33 -17.12
N LYS A 116 -7.87 -4.63 -16.50
CA LYS A 116 -7.07 -5.82 -16.80
C LYS A 116 -6.87 -5.99 -18.31
N ALA A 117 -6.53 -4.88 -18.97
CA ALA A 117 -6.27 -4.87 -20.40
C ALA A 117 -5.18 -3.86 -20.70
N GLY A 118 -4.00 -4.36 -21.06
CA GLY A 118 -2.88 -3.48 -21.36
C GLY A 118 -1.82 -4.21 -22.15
N GLY A 119 -0.82 -3.46 -22.57
CA GLY A 119 0.24 -4.02 -23.39
C GLY A 119 1.51 -4.30 -22.62
N ASN A 120 1.41 -4.34 -21.28
CA ASN A 120 2.56 -4.59 -20.41
C ASN A 120 2.55 -6.00 -19.83
N PHE A 121 1.73 -6.90 -20.39
CA PHE A 121 1.57 -8.24 -19.87
C PHE A 121 2.53 -9.25 -20.48
N GLY A 122 3.48 -8.79 -21.30
CA GLY A 122 4.44 -9.67 -21.92
C GLY A 122 5.47 -10.20 -20.94
N ASP A 123 6.64 -10.55 -21.47
CA ASP A 123 7.71 -11.08 -20.63
C ASP A 123 8.14 -10.02 -19.61
N ASP A 124 8.18 -10.41 -18.34
CA ASP A 124 8.52 -9.49 -17.27
C ASP A 124 10.01 -9.19 -17.19
N LYS A 125 10.86 -10.18 -17.48
CA LYS A 125 12.31 -10.00 -17.34
C LYS A 125 12.85 -8.93 -18.28
N GLU A 126 12.16 -8.64 -19.37
CA GLU A 126 12.57 -7.58 -20.28
C GLU A 126 11.63 -6.37 -20.25
N ARG A 127 10.70 -6.32 -19.30
CA ARG A 127 9.82 -5.16 -19.20
C ARG A 127 10.56 -4.02 -18.54
N VAL A 128 10.63 -2.89 -19.24
CA VAL A 128 11.33 -1.70 -18.75
C VAL A 128 10.40 -0.55 -18.41
N THR A 129 9.22 -0.50 -19.03
CA THR A 129 8.26 0.55 -18.76
C THR A 129 7.77 0.48 -17.32
N GLY A 130 7.12 1.55 -16.88
CA GLY A 130 6.63 1.63 -15.52
C GLY A 130 5.26 1.03 -15.28
N GLY A 131 4.65 0.44 -16.30
CA GLY A 131 3.32 -0.12 -16.19
C GLY A 131 3.36 -1.65 -16.09
N MET A 132 2.62 -2.18 -15.12
CA MET A 132 2.50 -3.63 -14.98
C MET A 132 1.08 -4.13 -14.71
N ASN A 133 0.21 -3.32 -14.09
CA ASN A 133 -1.07 -3.83 -13.59
C ASN A 133 -2.14 -3.91 -14.66
N GLY A 134 -1.96 -3.24 -15.80
CA GLY A 134 -2.96 -3.26 -16.84
C GLY A 134 -4.30 -2.68 -16.44
N VAL A 135 -4.32 -1.85 -15.40
CA VAL A 135 -5.59 -1.19 -14.96
C VAL A 135 -5.31 0.31 -14.93
N GLY A 136 -6.21 1.12 -14.41
CA GLY A 136 -5.81 2.57 -14.35
C GLY A 136 -6.11 3.73 -15.32
N SER A 137 -5.57 3.67 -16.54
CA SER A 137 -6.03 4.70 -17.52
C SER A 137 -7.51 4.39 -17.46
N SER A 138 -7.80 3.09 -17.52
CA SER A 138 -9.09 2.58 -17.25
C SER A 138 -9.59 3.39 -16.13
N LEU A 139 -8.79 3.54 -15.07
CA LEU A 139 -9.28 4.19 -13.89
C LEU A 139 -9.78 5.63 -13.99
N THR A 140 -9.11 6.54 -14.69
CA THR A 140 -9.62 7.93 -14.65
C THR A 140 -10.99 7.89 -15.18
N ASN A 141 -11.12 7.43 -16.38
CA ASN A 141 -12.40 7.40 -16.90
C ASN A 141 -13.16 6.71 -15.88
N ILE A 142 -12.77 5.49 -15.50
CA ILE A 142 -13.62 4.69 -14.54
C ILE A 142 -13.96 5.55 -13.32
N PHE A 143 -13.19 6.62 -13.09
CA PHE A 143 -13.51 7.54 -12.02
C PHE A 143 -13.79 8.89 -12.67
N SER A 144 -14.34 8.94 -13.88
CA SER A 144 -14.48 10.27 -14.53
C SER A 144 -15.87 10.50 -15.10
N VAL A 145 -16.28 11.76 -15.12
CA VAL A 145 -17.58 12.12 -15.66
C VAL A 145 -17.54 12.16 -17.18
N MET A 146 -16.37 12.46 -17.76
CA MET A 146 -16.18 12.48 -19.20
C MET A 146 -14.73 12.12 -19.48
N PHE A 147 -14.52 11.36 -20.55
CA PHE A 147 -13.18 10.88 -20.89
C PHE A 147 -13.15 10.62 -22.39
N VAL A 148 -12.42 11.45 -23.13
CA VAL A 148 -12.30 11.29 -24.57
C VAL A 148 -10.83 11.10 -24.91
N GLY A 149 -10.52 9.97 -25.55
CA GLY A 149 -9.18 9.70 -26.01
C GLY A 149 -9.12 9.64 -27.52
N GLU A 150 -8.25 10.46 -28.11
CA GLU A 150 -8.09 10.52 -29.56
C GLU A 150 -6.70 9.99 -29.88
N THR A 151 -6.64 8.81 -30.50
CA THR A 151 -5.39 8.22 -30.92
C THR A 151 -5.28 8.31 -32.44
N GLY A 152 -4.05 8.28 -32.94
CA GLY A 152 -3.82 8.29 -34.36
C GLY A 152 -2.63 7.45 -34.73
N ASP A 153 -2.77 6.58 -35.74
CA ASP A 153 -1.70 5.71 -36.17
C ASP A 153 -1.02 6.19 -37.45
N GLY A 154 -1.31 7.39 -37.89
CA GLY A 154 -0.81 7.91 -39.14
C GLY A 154 -1.69 7.59 -40.34
N GLN A 155 -2.57 6.62 -40.21
CA GLN A 155 -3.54 6.25 -41.23
C GLN A 155 -4.97 6.32 -40.73
N ASN A 156 -5.20 6.08 -39.45
CA ASN A 156 -6.53 6.11 -38.86
C ASN A 156 -6.51 6.87 -37.55
N ASN A 157 -7.63 7.53 -37.24
CA ASN A 157 -7.82 8.26 -36.00
C ASN A 157 -8.99 7.61 -35.25
N ILE A 158 -8.72 7.20 -34.01
CA ILE A 158 -9.69 6.46 -33.19
C ILE A 158 -10.09 7.34 -32.02
N VAL A 159 -11.37 7.60 -31.90
CA VAL A 159 -11.91 8.43 -30.82
C VAL A 159 -12.74 7.53 -29.91
N VAL A 160 -12.29 7.37 -28.67
CA VAL A 160 -13.01 6.61 -27.66
C VAL A 160 -13.60 7.62 -26.68
N ARG A 161 -14.93 7.70 -26.65
CA ARG A 161 -15.65 8.67 -25.84
C ARG A 161 -16.45 7.94 -24.77
N CYS A 162 -16.26 8.34 -23.51
CA CYS A 162 -16.96 7.76 -22.39
C CYS A 162 -17.53 8.88 -21.52
N SER A 163 -18.68 8.61 -20.93
CA SER A 163 -19.38 9.60 -20.11
C SER A 163 -20.29 8.87 -19.14
N ASN A 164 -20.85 9.65 -18.22
CA ASN A 164 -21.71 9.13 -17.15
C ASN A 164 -20.95 8.12 -16.28
N GLY A 165 -19.71 8.47 -15.94
CA GLY A 165 -18.89 7.61 -15.12
C GLY A 165 -18.56 6.28 -15.77
N MET A 166 -18.14 6.33 -17.03
CA MET A 166 -17.68 5.17 -17.80
C MET A 166 -18.85 4.28 -18.20
N GLU A 167 -20.04 4.53 -17.67
CA GLU A 167 -21.21 3.73 -18.00
C GLU A 167 -21.55 3.81 -19.49
N ASN A 168 -21.44 4.99 -20.08
CA ASN A 168 -21.69 5.17 -21.51
C ASN A 168 -20.36 5.26 -22.24
N LYS A 169 -20.22 4.50 -23.32
CA LYS A 169 -18.97 4.48 -24.07
C LYS A 169 -19.26 4.22 -25.54
N SER A 170 -18.36 4.71 -26.40
CA SER A 170 -18.48 4.52 -27.84
C SER A 170 -17.15 4.83 -28.50
N TRP A 171 -16.73 3.95 -29.42
CA TRP A 171 -15.49 4.13 -30.17
C TRP A 171 -15.81 4.33 -31.64
N GLU A 172 -15.15 5.31 -32.27
CA GLU A 172 -15.36 5.61 -33.67
C GLU A 172 -14.02 5.75 -34.38
N THR A 173 -14.02 5.41 -35.67
CA THR A 173 -12.82 5.44 -36.49
C THR A 173 -13.02 6.39 -37.66
N ILE A 174 -12.02 7.25 -37.91
CA ILE A 174 -12.08 8.27 -38.95
C ILE A 174 -10.79 8.18 -39.75
N PRO A 175 -10.82 8.42 -41.06
CA PRO A 175 -9.56 8.58 -41.80
C PRO A 175 -8.80 9.81 -41.31
N GLY A 176 -7.47 9.69 -41.31
CA GLY A 176 -6.64 10.78 -40.86
C GLY A 176 -5.18 10.44 -41.02
N LYS A 177 -4.33 11.42 -40.69
CA LYS A 177 -2.88 11.23 -40.77
C LYS A 177 -2.17 11.53 -39.46
N TRP A 178 -2.89 11.85 -38.40
CA TRP A 178 -2.26 12.11 -37.11
C TRP A 178 -1.61 10.84 -36.55
N LYS A 179 -0.51 11.01 -35.83
CA LYS A 179 0.19 9.90 -35.18
C LYS A 179 0.52 10.34 -33.75
N GLY A 180 -0.26 9.84 -32.79
CA GLY A 180 -0.04 10.19 -31.40
C GLY A 180 -1.25 9.87 -30.56
N THR A 181 -1.31 10.50 -29.38
CA THR A 181 -2.37 10.27 -28.42
C THR A 181 -2.73 11.57 -27.72
N ARG A 182 -4.04 11.77 -27.50
CA ARG A 182 -4.59 12.96 -26.84
C ARG A 182 -5.71 12.47 -25.91
N VAL A 183 -5.38 12.32 -24.64
CA VAL A 183 -6.31 11.82 -23.63
C VAL A 183 -6.77 13.01 -22.79
N THR A 184 -8.05 13.36 -22.86
CA THR A 184 -8.57 14.45 -22.05
C THR A 184 -9.83 14.01 -21.32
N PHE A 185 -9.85 14.24 -20.01
CA PHE A 185 -10.96 13.78 -19.18
C PHE A 185 -11.20 14.78 -18.06
N ILE A 186 -12.33 14.60 -17.38
CA ILE A 186 -12.74 15.43 -16.26
C ILE A 186 -13.00 14.50 -15.08
N PRO A 187 -12.40 14.75 -13.91
CA PRO A 187 -12.58 13.84 -12.77
C PRO A 187 -14.01 13.87 -12.25
N ASP A 188 -14.36 12.79 -11.54
CA ASP A 188 -15.65 12.65 -10.88
C ASP A 188 -15.45 12.92 -9.39
N PHE A 189 -15.97 14.06 -8.92
CA PHE A 189 -15.81 14.45 -7.53
C PHE A 189 -16.82 13.80 -6.60
N MET A 190 -17.77 13.03 -7.13
CA MET A 190 -18.70 12.30 -6.26
C MET A 190 -17.99 11.18 -5.51
N SER A 191 -16.91 10.64 -6.07
CA SER A 191 -16.16 9.58 -5.41
C SER A 191 -15.15 10.15 -4.42
N PHE A 192 -14.30 11.07 -4.88
CA PHE A 192 -13.27 11.63 -4.02
C PHE A 192 -13.86 12.67 -3.07
N GLU A 193 -13.07 13.01 -2.05
CA GLU A 193 -13.49 13.99 -1.05
C GLU A 193 -12.93 15.37 -1.43
N THR A 194 -13.50 15.91 -2.50
CA THR A 194 -13.07 17.20 -3.03
C THR A 194 -14.11 17.68 -4.03
N ASN A 195 -13.95 18.91 -4.50
CA ASN A 195 -14.83 19.48 -5.50
C ASN A 195 -14.11 20.22 -6.62
N GLU A 196 -12.81 20.48 -6.51
CA GLU A 196 -12.10 21.25 -7.52
C GLU A 196 -10.62 20.89 -7.48
N LEU A 197 -9.98 20.94 -8.64
CA LEU A 197 -8.53 20.73 -8.75
C LEU A 197 -7.85 22.06 -8.43
N SER A 198 -7.49 22.24 -7.17
CA SER A 198 -6.88 23.48 -6.71
C SER A 198 -5.46 23.60 -7.25
N GLN A 199 -4.80 24.71 -6.90
CA GLN A 199 -3.44 24.95 -7.35
C GLN A 199 -2.45 23.94 -6.80
N VAL A 200 -2.77 23.29 -5.68
CA VAL A 200 -1.83 22.34 -5.08
C VAL A 200 -1.68 21.10 -5.96
N TYR A 201 -2.77 20.66 -6.60
CA TYR A 201 -2.67 19.51 -7.50
C TYR A 201 -1.80 19.85 -8.71
N LEU A 202 -1.97 21.05 -9.26
CA LEU A 202 -1.11 21.48 -10.37
C LEU A 202 0.34 21.59 -9.92
N ASP A 203 0.57 22.04 -8.69
CA ASP A 203 1.94 22.13 -8.18
C ASP A 203 2.57 20.75 -8.05
N ILE A 204 1.82 19.77 -7.55
CA ILE A 204 2.34 18.40 -7.45
C ILE A 204 2.61 17.83 -8.84
N THR A 205 1.71 18.09 -9.78
CA THR A 205 1.91 17.62 -11.15
C THR A 205 3.15 18.24 -11.77
N LEU A 206 3.36 19.54 -11.55
CA LEU A 206 4.55 20.21 -12.04
C LEU A 206 5.81 19.65 -11.39
N ASP A 207 5.73 19.32 -10.09
CA ASP A 207 6.89 18.73 -9.42
C ASP A 207 7.25 17.39 -10.04
N ARG A 208 6.25 16.54 -10.30
CA ARG A 208 6.56 15.27 -10.94
C ARG A 208 7.03 15.44 -12.38
N LEU A 209 6.50 16.43 -13.10
CA LEU A 209 6.99 16.69 -14.45
C LEU A 209 8.46 17.13 -14.43
N GLN A 210 8.82 17.99 -13.48
CA GLN A 210 10.21 18.39 -13.34
C GLN A 210 11.10 17.20 -13.00
N THR A 211 10.64 16.35 -12.07
CA THR A 211 11.42 15.18 -11.70
C THR A 211 11.57 14.22 -12.87
N LEU A 212 10.52 14.06 -13.67
CA LEU A 212 10.60 13.17 -14.84
C LEU A 212 11.52 13.74 -15.90
N ALA A 213 11.52 15.06 -16.07
CA ALA A 213 12.44 15.68 -17.02
C ALA A 213 13.88 15.51 -16.57
N VAL A 214 14.13 15.62 -15.26
CA VAL A 214 15.47 15.38 -14.73
C VAL A 214 15.87 13.92 -14.92
N VAL A 215 14.95 12.98 -14.65
CA VAL A 215 15.25 11.57 -14.81
C VAL A 215 15.51 11.24 -16.28
N TYR A 216 14.67 11.76 -17.17
CA TYR A 216 14.78 11.49 -18.60
C TYR A 216 15.08 12.79 -19.34
N PRO A 217 16.34 13.07 -19.66
CA PRO A 217 16.67 14.32 -20.36
C PRO A 217 16.22 14.34 -21.81
N ASP A 218 15.90 13.19 -22.40
CA ASP A 218 15.49 13.16 -23.80
C ASP A 218 14.09 13.72 -23.99
N ILE A 219 13.16 13.35 -23.12
CA ILE A 219 11.76 13.74 -23.29
C ILE A 219 11.61 15.19 -22.85
N GLN A 220 10.92 15.99 -23.68
CA GLN A 220 10.68 17.41 -23.40
C GLN A 220 9.25 17.57 -22.90
N PHE A 221 9.08 17.40 -21.59
CA PHE A 221 7.77 17.61 -20.97
C PHE A 221 7.34 19.06 -21.11
N THR A 222 6.04 19.27 -21.25
CA THR A 222 5.45 20.60 -21.32
C THR A 222 4.23 20.64 -20.41
N PHE A 223 4.11 21.72 -19.64
CA PHE A 223 2.99 21.89 -18.72
C PHE A 223 2.37 23.25 -18.96
N ASN A 224 1.09 23.26 -19.35
CA ASN A 224 0.35 24.48 -19.66
C ASN A 224 1.06 25.33 -20.71
N GLY A 225 1.63 24.67 -21.72
CA GLY A 225 2.29 25.38 -22.79
C GLY A 225 3.62 25.99 -22.43
N LYS A 226 4.27 25.50 -21.37
CA LYS A 226 5.58 25.98 -20.97
C LYS A 226 6.55 24.81 -20.89
N LYS A 227 7.72 24.96 -21.51
CA LYS A 227 8.70 23.89 -21.53
C LYS A 227 9.27 23.66 -20.14
N VAL A 228 9.80 22.47 -19.93
CA VAL A 228 10.41 22.08 -18.66
C VAL A 228 11.84 21.64 -18.94
N GLN A 229 12.80 22.33 -18.31
CA GLN A 229 14.22 22.05 -18.53
C GLN A 229 14.71 21.06 -17.49
N GLY A 230 15.32 19.97 -17.95
CA GLY A 230 15.77 18.93 -17.04
C GLY A 230 17.27 18.87 -16.86
N ASN A 231 17.74 19.32 -15.69
CA ASN A 231 19.14 19.24 -15.31
C ASN A 231 19.22 18.72 -13.89
N PHE A 232 20.10 17.76 -13.62
CA PHE A 232 20.14 17.14 -12.31
C PHE A 232 20.80 18.04 -11.28
N LYS A 233 21.83 18.79 -11.67
CA LYS A 233 22.60 19.56 -10.70
C LYS A 233 21.72 20.61 -10.02
N LYS A 234 20.95 21.36 -10.82
CA LYS A 234 20.03 22.34 -10.25
C LYS A 234 18.95 21.68 -9.42
N TYR A 235 18.45 20.52 -9.86
CA TYR A 235 17.42 19.82 -9.11
C TYR A 235 17.94 19.41 -7.72
N ALA A 236 19.17 18.88 -7.67
CA ALA A 236 19.75 18.49 -6.39
C ALA A 236 20.04 19.70 -5.52
N ARG A 237 20.58 20.78 -6.10
CA ARG A 237 20.82 21.99 -5.34
C ARG A 237 19.52 22.60 -4.81
N GLN A 238 18.39 22.35 -5.47
CA GLN A 238 17.11 22.80 -4.95
C GLN A 238 16.82 22.22 -3.57
N TYR A 239 17.36 21.04 -3.26
CA TYR A 239 17.20 20.48 -1.93
C TYR A 239 18.13 21.15 -0.93
N ASP A 240 19.44 21.04 -1.15
CA ASP A 240 20.41 21.66 -0.26
C ASP A 240 21.57 22.12 -1.15
N GLU A 241 22.08 23.32 -0.87
CA GLU A 241 23.12 23.90 -1.71
C GLU A 241 24.45 23.14 -1.60
N HIS A 242 24.66 22.40 -0.53
CA HIS A 242 25.89 21.63 -0.34
C HIS A 242 25.69 20.13 -0.59
N ALA A 243 24.68 19.77 -1.39
CA ALA A 243 24.42 18.37 -1.68
C ALA A 243 25.57 17.76 -2.48
N ILE A 244 25.79 16.46 -2.27
CA ILE A 244 26.84 15.72 -2.95
C ILE A 244 26.18 14.79 -3.96
N VAL A 245 26.56 14.90 -5.22
CA VAL A 245 25.88 14.25 -6.34
C VAL A 245 26.83 13.26 -6.99
N GLN A 246 26.35 12.04 -7.22
CA GLN A 246 27.10 11.04 -7.95
C GLN A 246 26.20 10.39 -8.99
N GLU A 247 26.60 10.45 -10.25
CA GLU A 247 25.81 9.92 -11.35
C GLU A 247 26.47 8.68 -11.94
N GLN A 248 25.64 7.77 -12.44
CA GLN A 248 26.11 6.56 -13.10
C GLN A 248 25.22 6.34 -14.33
N GLU A 249 25.43 5.20 -14.99
CA GLU A 249 24.65 4.90 -16.19
C GLU A 249 23.23 4.45 -15.86
N ASN A 250 23.00 3.88 -14.68
CA ASN A 250 21.65 3.52 -14.24
C ASN A 250 21.28 4.09 -12.88
N CYS A 251 22.23 4.50 -12.06
CA CYS A 251 21.96 5.07 -10.75
C CYS A 251 22.38 6.54 -10.75
N SER A 252 21.61 7.38 -10.05
CA SER A 252 21.91 8.80 -9.98
C SER A 252 21.48 9.29 -8.60
N ILE A 253 22.43 9.48 -7.68
CA ILE A 253 22.12 9.74 -6.28
C ILE A 253 22.62 11.13 -5.89
N ALA A 254 21.96 11.70 -4.89
CA ALA A 254 22.37 12.98 -4.32
C ALA A 254 22.04 12.98 -2.83
N VAL A 255 22.97 13.49 -2.04
CA VAL A 255 22.91 13.46 -0.58
C VAL A 255 22.80 14.89 -0.06
N GLY A 256 21.85 15.13 0.83
CA GLY A 256 21.64 16.42 1.46
C GLY A 256 21.64 16.30 2.97
N ARG A 257 20.93 17.23 3.60
CA ARG A 257 20.83 17.29 5.06
C ARG A 257 19.38 17.26 5.49
N SER A 258 19.09 16.46 6.52
CA SER A 258 17.75 16.36 7.10
C SER A 258 17.78 16.86 8.54
N PRO A 259 17.29 18.07 8.81
CA PRO A 259 17.37 18.61 10.18
C PRO A 259 16.18 18.32 11.08
N ASP A 260 15.07 17.84 10.53
CA ASP A 260 13.84 17.63 11.30
C ASP A 260 13.29 16.23 11.04
N GLY A 261 14.16 15.24 11.09
CA GLY A 261 13.76 13.87 10.86
C GLY A 261 14.46 13.26 9.66
N PHE A 262 13.78 12.33 8.99
CA PHE A 262 14.33 11.65 7.83
C PHE A 262 13.54 12.01 6.58
N ARG A 263 14.24 12.17 5.46
CA ARG A 263 13.62 12.57 4.22
C ARG A 263 14.20 11.77 3.07
N GLN A 264 13.45 11.70 1.97
CA GLN A 264 13.88 10.96 0.79
C GLN A 264 12.97 11.30 -0.38
N LEU A 265 13.46 11.00 -1.58
CA LEU A 265 12.66 11.06 -2.80
C LEU A 265 13.35 10.17 -3.83
N THR A 266 12.70 9.06 -4.18
CA THR A 266 13.32 8.06 -5.04
C THR A 266 12.39 7.73 -6.20
N TYR A 267 13.00 7.44 -7.35
CA TYR A 267 12.28 7.07 -8.56
C TYR A 267 12.89 5.81 -9.15
N VAL A 268 12.06 4.84 -9.46
CA VAL A 268 12.47 3.65 -10.20
C VAL A 268 11.86 3.75 -11.58
N ASN A 269 12.71 3.81 -12.60
CA ASN A 269 12.27 4.10 -13.97
C ASN A 269 11.50 5.41 -13.99
N ASN A 270 10.17 5.34 -14.03
CA ASN A 270 9.32 6.52 -14.02
C ASN A 270 8.24 6.44 -12.94
N ILE A 271 8.52 5.71 -11.86
CA ILE A 271 7.55 5.47 -10.80
C ILE A 271 8.10 6.06 -9.50
N HIS A 272 7.28 6.87 -8.83
CA HIS A 272 7.68 7.53 -7.59
C HIS A 272 7.33 6.64 -6.41
N THR A 273 8.28 5.80 -6.01
CA THR A 273 8.12 4.93 -4.84
C THR A 273 8.31 5.79 -3.60
N LYS A 274 7.29 6.58 -3.29
CA LYS A 274 7.40 7.58 -2.24
C LYS A 274 7.34 7.00 -0.83
N ASN A 275 7.02 5.72 -0.69
CA ASN A 275 7.12 5.04 0.60
C ASN A 275 8.39 4.19 0.69
N GLY A 276 9.41 4.53 -0.08
CA GLY A 276 10.66 3.78 -0.02
C GLY A 276 10.52 2.39 -0.60
N GLY A 277 11.32 1.47 -0.08
CA GLY A 277 11.30 0.11 -0.57
C GLY A 277 12.57 -0.64 -0.18
N HIS A 278 13.19 -1.32 -1.14
CA HIS A 278 14.42 -2.04 -0.90
C HIS A 278 15.64 -1.39 -1.52
N HIS A 279 15.46 -0.59 -2.59
CA HIS A 279 16.60 0.01 -3.26
C HIS A 279 17.26 1.06 -2.37
N ILE A 280 16.47 1.93 -1.75
CA ILE A 280 17.04 2.93 -0.85
C ILE A 280 17.67 2.25 0.36
N ASP A 281 17.01 1.21 0.88
CA ASP A 281 17.56 0.49 2.04
C ASP A 281 18.87 -0.18 1.69
N CYS A 282 18.95 -0.85 0.53
CA CYS A 282 20.19 -1.51 0.13
C CYS A 282 21.31 -0.50 -0.11
N VAL A 283 21.00 0.60 -0.80
CA VAL A 283 22.01 1.62 -1.06
C VAL A 283 22.52 2.20 0.25
N MET A 284 21.61 2.52 1.17
CA MET A 284 22.01 3.11 2.44
C MET A 284 22.80 2.12 3.28
N ASP A 285 22.43 0.84 3.25
CA ASP A 285 23.20 -0.17 3.95
C ASP A 285 24.63 -0.25 3.40
N ASP A 286 24.77 -0.26 2.08
CA ASP A 286 26.11 -0.30 1.49
C ASP A 286 26.91 0.94 1.84
N ILE A 287 26.25 2.11 1.87
CA ILE A 287 26.95 3.34 2.24
C ILE A 287 27.40 3.28 3.70
N CYS A 288 26.55 2.75 4.57
CA CYS A 288 26.88 2.69 6.00
C CYS A 288 27.98 1.68 6.29
N GLU A 289 28.01 0.56 5.58
CA GLU A 289 29.10 -0.40 5.80
C GLU A 289 30.47 0.19 5.48
N ASP A 290 30.50 1.30 4.74
CA ASP A 290 31.75 2.02 4.51
C ASP A 290 31.92 3.22 5.45
N LEU A 291 30.83 3.90 5.81
CA LEU A 291 30.95 5.02 6.73
C LEU A 291 31.39 4.57 8.11
N ILE A 292 30.71 3.56 8.68
CA ILE A 292 30.93 3.21 10.09
C ILE A 292 32.37 2.86 10.38
N PRO A 293 33.05 2.00 9.60
CA PRO A 293 34.49 1.82 9.85
C PRO A 293 35.28 3.11 9.67
N GLN A 294 34.99 3.88 8.62
CA GLN A 294 35.73 5.11 8.37
C GLN A 294 35.49 6.14 9.45
N ILE A 295 34.23 6.32 9.88
CA ILE A 295 33.98 7.27 10.95
C ILE A 295 34.59 6.78 12.26
N LYS A 296 34.68 5.45 12.44
CA LYS A 296 35.38 4.91 13.59
C LYS A 296 36.85 5.30 13.58
N ARG A 297 37.51 5.17 12.43
CA ARG A 297 38.92 5.56 12.36
C ARG A 297 39.12 7.07 12.44
N LYS A 298 38.14 7.86 12.00
CA LYS A 298 38.32 9.30 11.97
C LYS A 298 37.99 9.97 13.32
N PHE A 299 36.76 9.80 13.80
CA PHE A 299 36.32 10.51 14.99
C PHE A 299 36.29 9.65 16.25
N LYS A 300 36.51 8.34 16.13
CA LYS A 300 36.67 7.43 17.27
C LYS A 300 35.44 7.45 18.18
N ILE A 301 34.25 7.55 17.58
CA ILE A 301 33.00 7.49 18.33
C ILE A 301 32.06 6.49 17.67
N ASP A 302 31.39 5.71 18.51
CA ASP A 302 30.49 4.65 18.05
C ASP A 302 29.16 5.26 17.66
N VAL A 303 28.75 5.06 16.40
CA VAL A 303 27.49 5.58 15.89
C VAL A 303 26.74 4.43 15.20
N THR A 304 25.45 4.32 15.48
CA THR A 304 24.63 3.30 14.84
C THR A 304 24.29 3.71 13.41
N LYS A 305 23.84 2.73 12.62
CA LYS A 305 23.45 3.01 11.25
C LYS A 305 22.28 3.99 11.17
N ALA A 306 21.27 3.80 12.03
CA ALA A 306 20.09 4.65 11.99
C ALA A 306 20.42 6.08 12.37
N ARG A 307 21.39 6.29 13.28
CA ARG A 307 21.72 7.65 13.70
C ARG A 307 22.28 8.47 12.55
N VAL A 308 23.17 7.88 11.74
CA VAL A 308 23.66 8.56 10.56
C VAL A 308 22.56 8.66 9.50
N LYS A 309 21.77 7.59 9.35
CA LYS A 309 20.76 7.55 8.30
C LYS A 309 19.68 8.60 8.48
N GLU A 310 19.34 8.93 9.73
CA GLU A 310 18.24 9.86 9.98
C GLU A 310 18.61 11.31 9.73
N CYS A 311 19.85 11.61 9.32
CA CYS A 311 20.26 12.97 9.05
C CYS A 311 20.59 13.21 7.59
N LEU A 312 20.10 12.37 6.68
CA LEU A 312 20.34 12.51 5.25
C LEU A 312 19.01 12.55 4.50
N THR A 313 18.94 13.43 3.50
CA THR A 313 17.80 13.49 2.58
C THR A 313 18.28 13.03 1.21
N ILE A 314 18.25 11.73 1.00
CA ILE A 314 18.74 11.14 -0.24
C ILE A 314 17.69 11.32 -1.32
N VAL A 315 18.08 11.91 -2.45
CA VAL A 315 17.26 11.93 -3.66
C VAL A 315 17.96 11.09 -4.71
N MET A 316 17.30 10.02 -5.14
CA MET A 316 17.95 8.97 -5.90
C MET A 316 17.06 8.55 -7.06
N PHE A 317 17.69 8.30 -8.22
CA PHE A 317 16.97 7.95 -9.44
C PHE A 317 17.56 6.67 -10.01
N VAL A 318 16.68 5.77 -10.44
CA VAL A 318 17.05 4.50 -11.05
C VAL A 318 16.46 4.46 -12.45
N ARG A 319 17.27 4.02 -13.42
CA ARG A 319 16.85 3.96 -14.81
C ARG A 319 17.13 2.58 -15.39
N ASP A 320 16.36 2.21 -16.41
CA ASP A 320 16.55 0.97 -17.17
C ASP A 320 16.51 -0.26 -16.25
N MET A 321 15.58 -0.23 -15.31
CA MET A 321 15.36 -1.35 -14.40
C MET A 321 14.38 -2.34 -15.01
N LYS A 322 14.51 -3.62 -14.63
CA LYS A 322 13.61 -4.67 -15.05
C LYS A 322 13.06 -5.39 -13.83
N ASN A 323 11.87 -5.97 -13.99
CA ASN A 323 11.19 -6.72 -12.93
C ASN A 323 10.95 -5.83 -11.70
N MET A 324 10.14 -4.80 -11.90
CA MET A 324 9.84 -3.84 -10.83
C MET A 324 8.54 -4.23 -10.13
N ARG A 325 8.55 -5.39 -9.48
CA ARG A 325 7.37 -5.83 -8.75
C ARG A 325 7.10 -4.89 -7.58
N PHE A 326 5.85 -4.45 -7.45
CA PHE A 326 5.42 -3.62 -6.33
C PHE A 326 4.50 -4.42 -5.41
N ASP A 327 4.06 -3.75 -4.35
CA ASP A 327 3.16 -4.34 -3.37
C ASP A 327 1.81 -3.63 -3.29
N SER A 328 1.70 -2.43 -3.86
CA SER A 328 0.43 -1.71 -3.90
C SER A 328 0.15 -1.30 -5.34
N GLN A 329 -1.13 -1.17 -5.66
CA GLN A 329 -1.51 -0.75 -7.00
C GLN A 329 -1.01 0.66 -7.30
N THR A 330 -0.94 1.51 -6.27
CA THR A 330 -0.34 2.83 -6.44
C THR A 330 1.16 2.77 -6.71
N LYS A 331 1.78 1.60 -6.54
CA LYS A 331 3.21 1.41 -6.77
C LYS A 331 4.05 2.41 -5.96
N GLU A 332 3.86 2.36 -4.64
CA GLU A 332 4.53 3.25 -3.71
C GLU A 332 5.64 2.57 -2.94
N ARG A 333 5.89 1.28 -3.17
CA ARG A 333 6.92 0.55 -2.44
C ARG A 333 7.48 -0.53 -3.36
N LEU A 334 8.65 -0.27 -3.93
CA LEU A 334 9.31 -1.26 -4.79
C LEU A 334 9.71 -2.46 -3.93
N THR A 335 9.12 -3.62 -4.23
CA THR A 335 9.37 -4.83 -3.47
C THR A 335 10.10 -5.90 -4.29
N SER A 336 10.84 -5.48 -5.31
CA SER A 336 11.63 -6.43 -6.08
C SER A 336 12.70 -7.05 -5.18
N PRO A 337 13.13 -8.28 -5.49
CA PRO A 337 14.13 -8.94 -4.64
C PRO A 337 15.40 -8.12 -4.55
N PHE A 338 16.01 -8.14 -3.36
CA PHE A 338 17.21 -7.34 -3.12
C PHE A 338 18.35 -7.76 -4.04
N GLY A 339 18.43 -9.06 -4.37
CA GLY A 339 19.48 -9.51 -5.27
C GLY A 339 19.39 -8.89 -6.65
N GLU A 340 18.17 -8.82 -7.20
CA GLU A 340 17.98 -8.20 -8.51
C GLU A 340 18.31 -6.70 -8.47
N ILE A 341 17.89 -6.01 -7.41
CA ILE A 341 18.18 -4.59 -7.28
C ILE A 341 19.69 -4.37 -7.21
N ARG A 342 20.39 -5.18 -6.42
CA ARG A 342 21.83 -5.04 -6.32
C ARG A 342 22.52 -5.36 -7.64
N SER A 343 22.03 -6.37 -8.36
CA SER A 343 22.62 -6.71 -9.66
C SER A 343 22.44 -5.58 -10.66
N HIS A 344 21.24 -4.99 -10.72
CA HIS A 344 20.99 -3.94 -11.68
C HIS A 344 21.64 -2.62 -11.27
N ILE A 345 21.51 -2.25 -9.99
CA ILE A 345 22.07 -0.98 -9.52
C ILE A 345 23.56 -1.17 -9.29
N GLN A 346 24.37 -0.34 -9.95
CA GLN A 346 25.82 -0.45 -9.87
C GLN A 346 26.44 0.76 -9.16
N LEU A 347 25.74 1.29 -8.16
CA LEU A 347 26.25 2.43 -7.41
C LEU A 347 27.48 2.04 -6.60
N ASP A 348 28.48 2.93 -6.61
CA ASP A 348 29.72 2.71 -5.87
C ASP A 348 29.56 3.34 -4.49
N ALA A 349 29.45 2.50 -3.45
CA ALA A 349 29.25 3.01 -2.11
C ALA A 349 30.50 3.69 -1.56
N LYS A 350 31.69 3.20 -1.92
CA LYS A 350 32.91 3.80 -1.41
C LYS A 350 33.09 5.23 -1.92
N LYS A 351 32.71 5.48 -3.17
CA LYS A 351 32.85 6.83 -3.72
C LYS A 351 32.03 7.84 -2.95
N ILE A 352 30.73 7.57 -2.77
CA ILE A 352 29.87 8.50 -2.06
C ILE A 352 30.27 8.59 -0.59
N SER A 353 30.70 7.47 0.00
CA SER A 353 31.12 7.48 1.39
C SER A 353 32.33 8.38 1.59
N ARG A 354 33.32 8.27 0.70
CA ARG A 354 34.49 9.16 0.79
C ARG A 354 34.09 10.60 0.51
N ALA A 355 33.16 10.82 -0.43
CA ALA A 355 32.76 12.18 -0.76
C ALA A 355 32.10 12.87 0.43
N ILE A 356 31.23 12.16 1.14
CA ILE A 356 30.56 12.77 2.28
C ILE A 356 31.45 12.76 3.52
N LEU A 357 32.48 11.90 3.56
CA LEU A 357 33.45 11.98 4.65
C LEU A 357 34.36 13.19 4.48
N ASN A 358 34.70 13.54 3.24
CA ASN A 358 35.55 14.69 2.96
C ASN A 358 34.85 16.02 3.15
N ASN A 359 33.52 16.03 3.25
CA ASN A 359 32.76 17.26 3.36
C ASN A 359 32.36 17.50 4.80
N GLU A 360 32.59 18.73 5.28
CA GLU A 360 32.24 19.12 6.64
C GLU A 360 30.81 19.59 6.79
N ALA A 361 30.10 19.84 5.68
CA ALA A 361 28.75 20.37 5.74
C ALA A 361 27.72 19.32 6.15
N ILE A 362 28.05 18.03 6.10
CA ILE A 362 27.10 16.96 6.38
C ILE A 362 27.55 16.12 7.58
N LEU A 363 28.81 15.68 7.58
CA LEU A 363 29.28 14.81 8.64
C LEU A 363 29.43 15.56 9.96
N MET A 364 29.90 16.79 9.92
CA MET A 364 30.09 17.56 11.15
C MET A 364 28.79 17.80 11.92
N PRO A 365 27.66 18.17 11.28
CA PRO A 365 26.41 18.25 12.05
C PRO A 365 26.04 16.94 12.73
N ILE A 366 26.24 15.81 12.05
CA ILE A 366 25.94 14.51 12.63
C ILE A 366 26.82 14.28 13.86
N ILE A 367 28.12 14.56 13.72
CA ILE A 367 29.05 14.33 14.82
C ILE A 367 28.71 15.23 16.00
N GLU A 368 28.39 16.50 15.73
CA GLU A 368 28.06 17.43 16.80
C GLU A 368 26.78 17.02 17.53
N ALA A 369 25.75 16.59 16.77
CA ALA A 369 24.51 16.15 17.38
C ALA A 369 24.74 14.91 18.22
N ALA A 370 25.54 13.96 17.73
CA ALA A 370 25.81 12.74 18.49
C ALA A 370 26.60 13.06 19.76
N LEU A 371 27.59 13.94 19.66
CA LEU A 371 28.41 14.26 20.83
C LEU A 371 27.63 15.04 21.88
N ALA A 372 26.78 15.96 21.45
CA ALA A 372 25.97 16.73 22.40
C ALA A 372 25.00 15.82 23.15
N ARG A 373 24.42 14.85 22.46
CA ARG A 373 23.48 13.92 23.07
C ARG A 373 24.20 12.65 23.54
N MET B 1 12.71 -3.33 -31.03
CA MET B 1 11.75 -2.40 -30.44
C MET B 1 10.80 -3.13 -29.51
N ILE B 2 10.28 -2.41 -28.52
CA ILE B 2 9.37 -3.01 -27.54
C ILE B 2 8.08 -3.38 -28.26
N LYS B 3 7.80 -4.68 -28.33
CA LYS B 3 6.56 -5.17 -28.95
C LYS B 3 5.39 -4.79 -28.06
N ASN B 4 4.55 -3.89 -28.55
CA ASN B 4 3.40 -3.38 -27.79
C ASN B 4 2.13 -3.98 -28.37
N GLU B 5 1.58 -4.98 -27.69
CA GLU B 5 0.34 -5.62 -28.09
C GLU B 5 -0.60 -5.65 -26.89
N ILE B 6 -1.83 -5.19 -27.09
CA ILE B 6 -2.82 -5.16 -26.01
C ILE B 6 -3.30 -6.57 -25.74
N LYS B 7 -3.21 -7.00 -24.49
CA LYS B 7 -3.72 -8.30 -24.07
C LYS B 7 -4.80 -8.09 -23.02
N ILE B 8 -5.69 -9.08 -22.91
CA ILE B 8 -6.84 -9.01 -22.04
C ILE B 8 -6.82 -10.24 -21.14
N LEU B 9 -7.02 -10.03 -19.84
CA LEU B 9 -6.93 -11.12 -18.87
C LEU B 9 -8.16 -11.12 -17.97
N SER B 10 -8.51 -12.31 -17.50
CA SER B 10 -9.60 -12.49 -16.56
C SER B 10 -9.13 -12.21 -15.14
N ASP B 11 -10.01 -12.46 -14.16
CA ASP B 11 -9.66 -12.16 -12.77
C ASP B 11 -8.55 -13.08 -12.26
N ILE B 12 -8.72 -14.40 -12.46
CA ILE B 12 -7.76 -15.35 -11.91
C ILE B 12 -6.40 -15.19 -12.58
N GLU B 13 -6.38 -15.08 -13.90
CA GLU B 13 -5.10 -14.95 -14.62
C GLU B 13 -4.40 -13.65 -14.24
N HIS B 14 -5.14 -12.55 -14.13
CA HIS B 14 -4.53 -11.28 -13.74
C HIS B 14 -3.99 -11.34 -12.32
N ILE B 15 -4.73 -11.98 -11.40
CA ILE B 15 -4.25 -12.14 -10.04
C ILE B 15 -2.96 -12.95 -10.03
N LYS B 16 -2.90 -14.02 -10.82
CA LYS B 16 -1.68 -14.82 -10.90
C LYS B 16 -0.52 -14.01 -11.45
N LYS B 17 -0.78 -13.20 -12.48
CA LYS B 17 0.29 -12.41 -13.10
C LYS B 17 0.66 -11.20 -12.23
N ARG B 18 -0.32 -10.58 -11.60
CA ARG B 18 -0.11 -9.31 -10.90
C ARG B 18 -0.42 -9.45 -9.42
N SER B 19 0.14 -10.48 -8.77
CA SER B 19 -0.14 -10.74 -7.36
C SER B 19 0.34 -9.63 -6.44
N GLY B 20 1.17 -8.70 -6.94
CA GLY B 20 1.74 -7.69 -6.08
C GLY B 20 0.70 -6.80 -5.41
N MET B 21 -0.34 -6.40 -6.15
CA MET B 21 -1.32 -5.48 -5.61
C MET B 21 -2.35 -6.16 -4.72
N TYR B 22 -2.38 -7.49 -4.69
CA TYR B 22 -3.45 -8.22 -4.01
C TYR B 22 -3.00 -8.91 -2.73
N ILE B 23 -1.71 -9.19 -2.57
CA ILE B 23 -1.21 -9.76 -1.33
C ILE B 23 -0.01 -8.96 -0.84
N GLY B 24 0.10 -7.71 -1.30
CA GLY B 24 1.25 -6.91 -0.94
C GLY B 24 2.53 -7.48 -1.52
N SER B 25 3.60 -7.42 -0.74
CA SER B 25 4.90 -7.90 -1.19
C SER B 25 4.88 -9.41 -1.38
N SER B 26 5.86 -9.90 -2.13
CA SER B 26 6.01 -11.34 -2.36
C SER B 26 7.46 -11.78 -2.25
N ALA B 27 8.35 -10.92 -1.75
CA ALA B 27 9.75 -11.25 -1.55
C ALA B 27 10.07 -11.09 -0.07
N ASN B 28 10.73 -12.10 0.50
CA ASN B 28 11.01 -12.08 1.93
C ASN B 28 11.89 -10.89 2.30
N GLU B 29 11.31 -9.92 2.99
CA GLU B 29 12.02 -8.72 3.42
C GLU B 29 12.06 -8.67 4.94
N MET B 30 12.80 -7.69 5.45
CA MET B 30 13.08 -7.54 6.87
C MET B 30 12.41 -6.27 7.38
N HIS B 31 11.59 -6.41 8.41
CA HIS B 31 11.00 -5.29 9.14
C HIS B 31 11.46 -5.33 10.60
N GLU B 32 11.05 -4.33 11.35
CA GLU B 32 11.17 -4.32 12.80
C GLU B 32 9.76 -4.38 13.36
N ARG B 33 9.33 -5.57 13.75
CA ARG B 33 7.94 -5.81 14.12
C ARG B 33 7.83 -6.14 15.60
N PHE B 34 6.64 -5.93 16.15
CA PHE B 34 6.35 -6.26 17.54
C PHE B 34 5.97 -7.73 17.63
N LEU B 35 6.93 -8.58 17.97
CA LEU B 35 6.70 -9.99 18.21
C LEU B 35 6.70 -10.25 19.71
N PHE B 36 5.56 -10.69 20.24
CA PHE B 36 5.43 -11.04 21.65
C PHE B 36 5.86 -9.89 22.55
N GLY B 37 5.52 -8.67 22.14
CA GLY B 37 5.85 -7.49 22.91
C GLY B 37 7.24 -6.95 22.72
N LYS B 38 8.05 -7.56 21.85
CA LYS B 38 9.42 -7.13 21.61
C LYS B 38 9.55 -6.51 20.23
N TRP B 39 10.18 -5.34 20.17
CA TRP B 39 10.46 -4.65 18.91
C TRP B 39 11.64 -5.34 18.22
N GLU B 40 11.35 -6.52 17.68
CA GLU B 40 12.38 -7.41 17.17
C GLU B 40 12.41 -7.35 15.64
N SER B 41 13.61 -7.43 15.09
CA SER B 41 13.76 -7.48 13.64
C SER B 41 13.36 -8.85 13.13
N VAL B 42 12.45 -8.87 12.16
CA VAL B 42 11.91 -10.11 11.60
C VAL B 42 12.09 -10.08 10.09
N GLN B 43 12.09 -11.29 9.51
CA GLN B 43 12.36 -11.46 8.08
C GLN B 43 11.36 -12.50 7.57
N TYR B 44 10.53 -12.10 6.62
CA TYR B 44 9.45 -12.97 6.16
C TYR B 44 8.84 -12.39 4.89
N VAL B 45 7.88 -13.14 4.32
CA VAL B 45 7.14 -12.70 3.14
C VAL B 45 5.79 -12.16 3.61
N PRO B 46 5.50 -10.87 3.41
CA PRO B 46 4.19 -10.35 3.79
C PRO B 46 3.02 -11.02 3.07
N GLY B 47 3.27 -11.62 1.91
CA GLY B 47 2.18 -12.23 1.16
C GLY B 47 1.53 -13.39 1.91
N LEU B 48 2.34 -14.29 2.45
CA LEU B 48 1.79 -15.44 3.17
C LEU B 48 1.09 -15.01 4.45
N VAL B 49 1.67 -14.03 5.15
CA VAL B 49 1.05 -13.52 6.37
C VAL B 49 -0.32 -12.91 6.05
N LYS B 50 -0.40 -12.12 4.98
CA LYS B 50 -1.68 -11.58 4.56
C LYS B 50 -2.64 -12.69 4.15
N LEU B 51 -2.12 -13.74 3.52
CA LEU B 51 -2.97 -14.85 3.07
C LEU B 51 -3.63 -15.54 4.26
N ILE B 52 -2.85 -15.80 5.32
CA ILE B 52 -3.41 -16.43 6.51
C ILE B 52 -4.36 -15.46 7.23
N ASP B 53 -3.95 -14.19 7.33
CA ASP B 53 -4.78 -13.20 8.01
C ASP B 53 -6.10 -12.98 7.30
N GLU B 54 -6.18 -13.26 6.00
CA GLU B 54 -7.45 -13.14 5.30
C GLU B 54 -8.48 -14.12 5.86
N ILE B 55 -8.11 -15.39 5.97
CA ILE B 55 -9.01 -16.39 6.52
C ILE B 55 -9.32 -16.09 7.98
N ILE B 56 -8.29 -15.71 8.75
CA ILE B 56 -8.54 -15.40 10.17
C ILE B 56 -9.49 -14.21 10.29
N ASP B 57 -9.35 -13.23 9.40
CA ASP B 57 -10.21 -12.06 9.42
C ASP B 57 -11.64 -12.44 9.03
N ASN B 58 -11.81 -13.35 8.07
CA ASN B 58 -13.17 -13.80 7.74
C ASN B 58 -13.81 -14.51 8.92
N SER B 59 -13.05 -15.34 9.63
CA SER B 59 -13.59 -16.01 10.81
C SER B 59 -14.00 -15.00 11.87
N VAL B 60 -13.14 -14.03 12.16
CA VAL B 60 -13.46 -13.01 13.15
C VAL B 60 -14.65 -12.16 12.69
N ASP B 61 -14.74 -11.90 11.38
CA ASP B 61 -15.85 -11.11 10.84
C ASP B 61 -17.17 -11.83 11.01
N GLU B 62 -17.19 -13.14 10.74
CA GLU B 62 -18.41 -13.90 11.01
C GLU B 62 -18.74 -13.86 12.49
N GLY B 63 -17.72 -14.00 13.34
CA GLY B 63 -17.97 -13.94 14.78
C GLY B 63 -18.63 -12.64 15.21
N ILE B 64 -18.09 -11.51 14.75
CA ILE B 64 -18.67 -10.23 15.17
C ILE B 64 -20.03 -10.01 14.51
N ARG B 65 -20.20 -10.47 13.27
CA ARG B 65 -21.50 -10.37 12.61
C ARG B 65 -22.57 -11.17 13.33
N THR B 66 -22.18 -12.23 14.03
CA THR B 66 -23.11 -12.92 14.92
C THR B 66 -23.10 -12.35 16.34
N LYS B 67 -22.39 -11.22 16.54
CA LYS B 67 -22.22 -10.63 17.87
C LYS B 67 -21.64 -11.66 18.85
N PHE B 68 -20.70 -12.45 18.36
CA PHE B 68 -19.89 -13.40 19.11
C PHE B 68 -20.69 -14.59 19.62
N LYS B 69 -21.99 -14.67 19.31
CA LYS B 69 -22.76 -15.84 19.66
C LYS B 69 -22.29 -17.07 18.88
N PHE B 70 -21.95 -16.88 17.61
CA PHE B 70 -21.40 -17.94 16.78
C PHE B 70 -19.98 -17.54 16.33
N ALA B 71 -19.22 -18.55 15.91
CA ALA B 71 -17.83 -18.37 15.52
C ALA B 71 -17.00 -17.74 16.64
N ASN B 72 -17.20 -18.26 17.86
CA ASN B 72 -16.49 -17.78 19.03
C ASN B 72 -15.32 -18.68 19.44
N LYS B 73 -15.05 -19.74 18.69
CA LYS B 73 -13.91 -20.64 18.95
C LYS B 73 -13.16 -20.80 17.64
N ILE B 74 -12.24 -19.88 17.37
CA ILE B 74 -11.49 -19.88 16.10
C ILE B 74 -10.22 -20.68 16.34
N ASN B 75 -10.33 -21.99 16.17
CA ASN B 75 -9.17 -22.88 16.28
C ASN B 75 -8.32 -22.76 15.02
N VAL B 76 -7.14 -22.16 15.16
CA VAL B 76 -6.22 -21.96 14.05
C VAL B 76 -5.01 -22.86 14.24
N THR B 77 -4.69 -23.66 13.23
CA THR B 77 -3.59 -24.61 13.28
C THR B 77 -2.69 -24.40 12.07
N ILE B 78 -1.39 -24.34 12.31
CA ILE B 78 -0.40 -24.22 11.25
C ILE B 78 0.65 -25.30 11.47
N LYS B 79 0.56 -26.37 10.70
CA LYS B 79 1.52 -27.46 10.80
C LYS B 79 1.76 -28.06 9.43
N ASN B 80 3.03 -28.33 9.14
CA ASN B 80 3.49 -28.90 7.87
C ASN B 80 2.91 -28.06 6.74
N ASN B 81 3.42 -26.82 6.67
CA ASN B 81 3.07 -25.85 5.63
C ASN B 81 1.58 -25.87 5.27
N GLN B 82 0.74 -25.98 6.30
CA GLN B 82 -0.70 -26.15 6.11
C GLN B 82 -1.45 -25.32 7.14
N VAL B 83 -2.49 -24.63 6.69
CA VAL B 83 -3.31 -23.77 7.53
C VAL B 83 -4.70 -24.38 7.64
N THR B 84 -5.20 -24.47 8.87
CA THR B 84 -6.53 -25.02 9.15
C THR B 84 -7.21 -24.11 10.16
N VAL B 85 -8.22 -23.37 9.72
CA VAL B 85 -8.96 -22.45 10.57
C VAL B 85 -10.39 -22.95 10.69
N GLU B 86 -10.81 -23.24 11.91
CA GLU B 86 -12.13 -23.79 12.19
C GLU B 86 -12.88 -22.88 13.14
N ASP B 87 -14.18 -22.70 12.88
CA ASP B 87 -15.02 -21.92 13.78
C ASP B 87 -16.44 -22.46 13.75
N ASN B 88 -17.21 -22.12 14.78
CA ASN B 88 -18.57 -22.60 14.94
C ASN B 88 -19.62 -21.59 14.49
N GLY B 89 -19.30 -20.78 13.48
CA GLY B 89 -20.20 -19.74 13.03
C GLY B 89 -21.41 -20.26 12.28
N ARG B 90 -22.24 -19.32 11.84
CA ARG B 90 -23.45 -19.66 11.10
C ARG B 90 -23.13 -20.43 9.82
N GLY B 91 -22.06 -20.06 9.15
CA GLY B 91 -21.68 -20.70 7.91
C GLY B 91 -22.21 -19.97 6.69
N ILE B 92 -21.69 -20.38 5.54
CA ILE B 92 -22.07 -19.75 4.27
C ILE B 92 -23.45 -20.25 3.86
N PRO B 93 -24.38 -19.34 3.53
CA PRO B 93 -25.72 -19.79 3.13
C PRO B 93 -25.66 -20.67 1.88
N GLN B 94 -26.52 -21.69 1.86
CA GLN B 94 -26.64 -22.58 0.72
C GLN B 94 -27.32 -21.90 -0.47
N ALA B 95 -27.92 -20.73 -0.28
CA ALA B 95 -28.71 -20.09 -1.31
C ALA B 95 -27.91 -19.89 -2.59
N MET B 96 -28.57 -20.17 -3.72
CA MET B 96 -27.94 -20.05 -5.03
C MET B 96 -27.62 -18.58 -5.31
N VAL B 97 -26.49 -18.35 -6.00
CA VAL B 97 -26.10 -17.01 -6.43
C VAL B 97 -25.88 -17.05 -7.94
N LYS B 98 -26.39 -16.02 -8.63
CA LYS B 98 -26.33 -15.93 -10.08
C LYS B 98 -25.18 -15.01 -10.48
N THR B 99 -24.22 -15.56 -11.21
CA THR B 99 -23.11 -14.77 -11.72
C THR B 99 -23.58 -13.84 -12.82
N PRO B 100 -22.82 -12.78 -13.11
CA PRO B 100 -23.21 -11.89 -14.23
C PRO B 100 -23.31 -12.62 -15.55
N THR B 101 -22.54 -13.69 -15.75
CA THR B 101 -22.67 -14.53 -16.93
C THR B 101 -23.97 -15.33 -16.93
N GLY B 102 -24.65 -15.44 -15.79
CA GLY B 102 -25.91 -16.14 -15.69
C GLY B 102 -25.82 -17.54 -15.11
N GLU B 103 -24.62 -18.08 -14.93
CA GLU B 103 -24.47 -19.42 -14.39
C GLU B 103 -24.91 -19.47 -12.94
N GLU B 104 -25.52 -20.60 -12.56
CA GLU B 104 -26.02 -20.80 -11.21
C GLU B 104 -24.98 -21.59 -10.42
N ILE B 105 -24.51 -21.01 -9.31
CA ILE B 105 -23.46 -21.65 -8.51
C ILE B 105 -23.76 -21.44 -7.04
N PRO B 106 -23.37 -22.39 -6.21
CA PRO B 106 -23.58 -22.25 -4.75
C PRO B 106 -22.75 -21.13 -4.16
N GLY B 107 -23.15 -20.72 -2.96
CA GLY B 107 -22.47 -19.68 -2.22
C GLY B 107 -21.04 -19.99 -1.81
N PRO B 108 -20.80 -21.16 -1.19
CA PRO B 108 -19.43 -21.47 -0.77
C PRO B 108 -18.43 -21.51 -1.91
N VAL B 109 -18.79 -22.14 -3.04
CA VAL B 109 -17.89 -22.21 -4.17
C VAL B 109 -17.69 -20.83 -4.80
N ALA B 110 -18.75 -20.02 -4.86
CA ALA B 110 -18.62 -18.66 -5.36
C ALA B 110 -17.68 -17.84 -4.48
N ALA B 111 -17.70 -18.09 -3.17
CA ALA B 111 -16.84 -17.34 -2.27
C ALA B 111 -15.39 -17.82 -2.36
N TRP B 112 -15.17 -19.13 -2.49
CA TRP B 112 -13.83 -19.68 -2.35
C TRP B 112 -13.17 -20.05 -3.67
N THR B 113 -13.77 -19.75 -4.82
CA THR B 113 -13.03 -20.02 -6.04
C THR B 113 -12.90 -18.82 -6.97
N ILE B 114 -13.91 -17.96 -7.05
CA ILE B 114 -13.81 -16.81 -7.94
C ILE B 114 -13.71 -15.53 -7.12
N PRO B 115 -12.81 -14.62 -7.48
CA PRO B 115 -12.63 -13.39 -6.71
C PRO B 115 -13.73 -12.38 -7.00
N LYS B 116 -13.61 -11.21 -6.35
CA LYS B 116 -14.59 -10.13 -6.45
C LYS B 116 -15.99 -10.62 -6.10
N ALA B 117 -16.09 -11.54 -5.13
CA ALA B 117 -17.35 -12.11 -4.70
C ALA B 117 -17.32 -12.22 -3.19
N GLY B 118 -18.27 -11.55 -2.53
CA GLY B 118 -18.32 -11.60 -1.08
C GLY B 118 -19.68 -11.18 -0.57
N GLY B 119 -19.88 -11.37 0.72
CA GLY B 119 -21.12 -10.98 1.37
C GLY B 119 -20.97 -9.68 2.12
N ASN B 120 -19.81 -9.04 1.96
CA ASN B 120 -19.51 -7.77 2.63
C ASN B 120 -19.86 -6.56 1.79
N PHE B 121 -20.43 -6.75 0.60
CA PHE B 121 -20.77 -5.63 -0.26
C PHE B 121 -22.13 -5.05 0.10
N GLY B 122 -22.32 -4.71 1.38
CA GLY B 122 -23.50 -3.99 1.79
C GLY B 122 -23.30 -2.49 1.65
N ASP B 123 -24.17 -1.74 2.31
CA ASP B 123 -24.00 -0.30 2.39
C ASP B 123 -22.67 0.03 3.07
N ASP B 124 -21.82 0.76 2.37
CA ASP B 124 -20.45 1.00 2.84
C ASP B 124 -20.40 1.74 4.16
N LYS B 125 -21.46 2.43 4.56
CA LYS B 125 -21.52 3.10 5.84
C LYS B 125 -22.03 2.20 6.96
N GLU B 126 -22.38 0.95 6.64
CA GLU B 126 -22.85 0.01 7.65
C GLU B 126 -21.93 -1.19 7.82
N ARG B 127 -20.74 -1.18 7.24
CA ARG B 127 -19.81 -2.29 7.40
C ARG B 127 -19.22 -2.29 8.80
N VAL B 128 -19.48 -3.35 9.55
CA VAL B 128 -18.97 -3.47 10.91
C VAL B 128 -17.94 -4.60 10.89
N THR B 129 -17.64 -5.08 9.68
CA THR B 129 -16.78 -6.23 9.48
C THR B 129 -15.41 -5.80 9.01
N GLY B 130 -14.41 -6.62 9.32
CA GLY B 130 -13.05 -6.38 8.92
C GLY B 130 -12.73 -6.70 7.48
N GLY B 131 -13.73 -7.10 6.71
CA GLY B 131 -13.55 -7.43 5.30
C GLY B 131 -14.41 -6.53 4.43
N MET B 132 -13.85 -6.07 3.31
CA MET B 132 -14.55 -5.16 2.42
C MET B 132 -14.39 -5.47 0.95
N ASN B 133 -13.45 -6.33 0.54
CA ASN B 133 -13.06 -6.42 -0.86
C ASN B 133 -13.68 -7.61 -1.58
N GLY B 134 -14.13 -8.63 -0.86
CA GLY B 134 -14.67 -9.82 -1.48
C GLY B 134 -13.67 -10.58 -2.33
N VAL B 135 -12.40 -10.57 -1.96
CA VAL B 135 -11.35 -11.18 -2.77
C VAL B 135 -10.46 -12.04 -1.89
N GLY B 136 -10.57 -11.89 -0.58
CA GLY B 136 -9.65 -12.49 0.36
C GLY B 136 -9.51 -14.01 0.31
N SER B 137 -10.59 -14.73 0.65
CA SER B 137 -10.52 -16.19 0.62
C SER B 137 -10.31 -16.71 -0.79
N SER B 138 -10.88 -16.03 -1.79
CA SER B 138 -10.58 -16.40 -3.17
C SER B 138 -9.11 -16.20 -3.48
N LEU B 139 -8.51 -15.12 -2.95
CA LEU B 139 -7.08 -14.91 -3.13
C LEU B 139 -6.26 -16.03 -2.51
N THR B 140 -6.58 -16.41 -1.26
CA THR B 140 -5.80 -17.43 -0.59
C THR B 140 -6.00 -18.79 -1.25
N ASN B 141 -7.16 -19.02 -1.87
CA ASN B 141 -7.36 -20.25 -2.62
C ASN B 141 -6.61 -20.21 -3.95
N ILE B 142 -6.43 -19.03 -4.54
CA ILE B 142 -5.70 -18.92 -5.79
C ILE B 142 -4.24 -19.34 -5.61
N PHE B 143 -3.63 -18.92 -4.50
CA PHE B 143 -2.22 -19.23 -4.22
C PHE B 143 -2.05 -20.49 -3.39
N SER B 144 -2.94 -21.46 -3.53
CA SER B 144 -2.90 -22.70 -2.75
C SER B 144 -2.83 -23.89 -3.69
N VAL B 145 -1.92 -24.82 -3.40
CA VAL B 145 -1.89 -26.07 -4.15
C VAL B 145 -3.13 -26.90 -3.85
N MET B 146 -3.59 -26.90 -2.60
CA MET B 146 -4.83 -27.54 -2.23
C MET B 146 -5.58 -26.66 -1.25
N PHE B 147 -6.91 -26.74 -1.29
CA PHE B 147 -7.76 -25.86 -0.50
C PHE B 147 -9.11 -26.56 -0.32
N VAL B 148 -9.45 -26.92 0.91
CA VAL B 148 -10.73 -27.54 1.23
C VAL B 148 -11.47 -26.61 2.17
N GLY B 149 -12.62 -26.12 1.72
CA GLY B 149 -13.51 -25.34 2.55
C GLY B 149 -14.76 -26.13 2.87
N GLU B 150 -14.88 -26.58 4.12
CA GLU B 150 -16.02 -27.38 4.56
C GLU B 150 -16.91 -26.50 5.43
N THR B 151 -18.13 -26.25 4.95
CA THR B 151 -19.06 -25.39 5.66
C THR B 151 -20.31 -26.19 6.02
N GLY B 152 -20.99 -25.77 7.07
CA GLY B 152 -22.25 -26.38 7.44
C GLY B 152 -23.20 -25.39 8.07
N ASP B 153 -24.42 -25.34 7.56
CA ASP B 153 -25.46 -24.47 8.08
C ASP B 153 -26.40 -25.21 9.02
N GLY B 154 -26.04 -26.42 9.44
CA GLY B 154 -26.88 -27.24 10.28
C GLY B 154 -27.82 -28.17 9.54
N GLN B 155 -27.83 -28.12 8.20
CA GLN B 155 -28.71 -28.97 7.43
C GLN B 155 -27.94 -29.76 6.37
N ASN B 156 -26.85 -29.19 5.87
CA ASN B 156 -26.09 -29.83 4.80
C ASN B 156 -24.65 -29.33 4.82
N ASN B 157 -23.71 -30.27 4.69
CA ASN B 157 -22.31 -29.92 4.58
C ASN B 157 -21.95 -29.63 3.12
N ILE B 158 -21.36 -28.48 2.88
CA ILE B 158 -20.92 -28.06 1.56
C ILE B 158 -19.40 -28.04 1.56
N VAL B 159 -18.79 -28.86 0.70
CA VAL B 159 -17.34 -29.00 0.64
C VAL B 159 -16.86 -28.48 -0.71
N VAL B 160 -16.00 -27.47 -0.68
CA VAL B 160 -15.40 -26.90 -1.88
C VAL B 160 -13.94 -27.32 -1.88
N ARG B 161 -13.54 -28.09 -2.89
CA ARG B 161 -12.19 -28.61 -3.01
C ARG B 161 -11.54 -28.01 -4.25
N CYS B 162 -10.43 -27.30 -4.06
CA CYS B 162 -9.66 -26.72 -5.14
C CYS B 162 -8.23 -27.26 -5.10
N SER B 163 -7.68 -27.50 -6.29
CA SER B 163 -6.41 -28.19 -6.40
C SER B 163 -5.67 -27.73 -7.64
N ASN B 164 -4.36 -27.97 -7.62
CA ASN B 164 -3.41 -27.61 -8.68
C ASN B 164 -3.45 -26.11 -8.97
N GLY B 165 -3.50 -25.32 -7.89
CA GLY B 165 -3.40 -23.89 -8.00
C GLY B 165 -4.53 -23.22 -8.76
N MET B 166 -5.74 -23.31 -8.23
CA MET B 166 -6.96 -22.63 -8.71
C MET B 166 -7.48 -23.23 -10.01
N GLU B 167 -6.74 -24.13 -10.67
CA GLU B 167 -7.22 -24.63 -11.96
C GLU B 167 -8.31 -25.68 -11.78
N ASN B 168 -8.22 -26.48 -10.72
CA ASN B 168 -9.21 -27.51 -10.48
C ASN B 168 -10.10 -27.10 -9.31
N LYS B 169 -11.42 -27.16 -9.53
CA LYS B 169 -12.38 -26.87 -8.47
C LYS B 169 -13.54 -27.85 -8.55
N SER B 170 -14.13 -28.16 -7.40
CA SER B 170 -15.25 -29.08 -7.34
C SER B 170 -15.99 -28.87 -6.03
N TRP B 171 -17.30 -28.61 -6.11
CA TRP B 171 -18.14 -28.44 -4.93
C TRP B 171 -19.06 -29.64 -4.80
N GLU B 172 -19.28 -30.08 -3.56
CA GLU B 172 -20.17 -31.19 -3.28
C GLU B 172 -21.01 -30.86 -2.06
N THR B 173 -22.21 -31.46 -2.02
CA THR B 173 -23.15 -31.24 -0.92
C THR B 173 -23.57 -32.60 -0.36
N ILE B 174 -23.50 -32.74 0.95
CA ILE B 174 -23.85 -33.99 1.63
C ILE B 174 -24.82 -33.67 2.75
N PRO B 175 -25.82 -34.51 3.02
CA PRO B 175 -26.65 -34.30 4.21
C PRO B 175 -25.81 -34.36 5.48
N GLY B 176 -26.12 -33.49 6.43
CA GLY B 176 -25.34 -33.42 7.65
C GLY B 176 -26.00 -32.51 8.65
N LYS B 177 -25.31 -32.34 9.78
CA LYS B 177 -25.82 -31.52 10.87
C LYS B 177 -24.78 -30.57 11.48
N TRP B 178 -23.55 -30.58 10.98
CA TRP B 178 -22.53 -29.68 11.51
C TRP B 178 -22.88 -28.24 11.18
N LYS B 179 -22.61 -27.34 12.13
CA LYS B 179 -22.84 -25.91 11.95
C LYS B 179 -21.53 -25.17 12.23
N GLY B 180 -20.94 -24.64 11.18
CA GLY B 180 -19.67 -23.92 11.32
C GLY B 180 -18.94 -23.88 9.99
N THR B 181 -17.65 -23.55 10.08
CA THR B 181 -16.80 -23.43 8.91
C THR B 181 -15.42 -23.98 9.21
N ARG B 182 -14.75 -24.50 8.19
CA ARG B 182 -13.39 -25.00 8.31
C ARG B 182 -12.68 -24.78 6.99
N VAL B 183 -11.72 -23.86 6.97
CA VAL B 183 -10.93 -23.55 5.79
C VAL B 183 -9.54 -24.13 5.99
N THR B 184 -9.14 -25.06 5.14
CA THR B 184 -7.84 -25.72 5.25
C THR B 184 -7.13 -25.64 3.91
N PHE B 185 -6.05 -24.87 3.85
CA PHE B 185 -5.33 -24.70 2.60
C PHE B 185 -3.85 -24.89 2.82
N ILE B 186 -3.18 -25.37 1.78
CA ILE B 186 -1.72 -25.48 1.73
C ILE B 186 -1.22 -24.46 0.71
N PRO B 187 -0.47 -23.45 1.13
CA PRO B 187 -0.02 -22.42 0.18
C PRO B 187 0.98 -22.97 -0.82
N ASP B 188 1.03 -22.31 -1.98
CA ASP B 188 1.94 -22.67 -3.06
C ASP B 188 3.16 -21.75 -2.98
N PHE B 189 4.34 -22.36 -2.85
CA PHE B 189 5.58 -21.62 -2.71
C PHE B 189 6.27 -21.33 -4.04
N MET B 190 5.72 -21.81 -5.15
CA MET B 190 6.34 -21.57 -6.45
C MET B 190 6.30 -20.10 -6.83
N SER B 191 5.28 -19.37 -6.38
CA SER B 191 5.16 -17.95 -6.66
C SER B 191 5.88 -17.10 -5.61
N PHE B 192 5.69 -17.42 -4.34
CA PHE B 192 6.32 -16.66 -3.27
C PHE B 192 7.83 -16.92 -3.24
N GLU B 193 8.56 -15.97 -2.64
CA GLU B 193 10.00 -16.11 -2.44
C GLU B 193 10.22 -16.78 -1.08
N THR B 194 9.90 -18.07 -1.04
CA THR B 194 10.04 -18.89 0.15
C THR B 194 9.84 -20.34 -0.27
N ASN B 195 10.02 -21.26 0.69
CA ASN B 195 9.84 -22.68 0.44
C ASN B 195 9.01 -23.41 1.49
N GLU B 196 8.91 -22.89 2.70
CA GLU B 196 8.16 -23.57 3.76
C GLU B 196 7.64 -22.56 4.76
N LEU B 197 6.61 -22.96 5.50
CA LEU B 197 6.02 -22.15 6.57
C LEU B 197 6.86 -22.35 7.82
N SER B 198 7.99 -21.66 7.87
CA SER B 198 8.95 -21.83 8.94
C SER B 198 8.43 -21.21 10.24
N GLN B 199 9.25 -21.28 11.28
CA GLN B 199 8.81 -20.89 12.62
C GLN B 199 8.50 -19.40 12.75
N VAL B 200 9.10 -18.55 11.91
CA VAL B 200 8.83 -17.12 12.01
C VAL B 200 7.38 -16.82 11.68
N TYR B 201 6.82 -17.48 10.67
CA TYR B 201 5.43 -17.25 10.30
C TYR B 201 4.49 -17.75 11.39
N LEU B 202 4.81 -18.90 11.99
CA LEU B 202 4.02 -19.38 13.12
C LEU B 202 4.07 -18.41 14.28
N ASP B 203 5.25 -17.83 14.54
CA ASP B 203 5.38 -16.84 15.60
C ASP B 203 4.52 -15.62 15.30
N ILE B 204 4.53 -15.15 14.06
CA ILE B 204 3.74 -13.98 13.69
C ILE B 204 2.26 -14.28 13.85
N THR B 205 1.81 -15.44 13.38
CA THR B 205 0.40 -15.80 13.49
C THR B 205 -0.02 -15.95 14.95
N LEU B 206 0.85 -16.54 15.78
CA LEU B 206 0.54 -16.67 17.19
C LEU B 206 0.47 -15.31 17.87
N ASP B 207 1.37 -14.40 17.50
CA ASP B 207 1.32 -13.05 18.05
C ASP B 207 0.03 -12.35 17.65
N ARG B 208 -0.38 -12.50 16.39
CA ARG B 208 -1.65 -11.91 15.97
C ARG B 208 -2.83 -12.54 16.69
N LEU B 209 -2.77 -13.85 16.96
CA LEU B 209 -3.84 -14.49 17.71
C LEU B 209 -3.91 -13.98 19.14
N GLN B 210 -2.75 -13.78 19.78
CA GLN B 210 -2.72 -13.17 21.11
C GLN B 210 -3.32 -11.76 21.07
N THR B 211 -2.94 -10.98 20.06
CA THR B 211 -3.47 -9.63 19.94
C THR B 211 -4.98 -9.64 19.76
N LEU B 212 -5.48 -10.55 18.92
CA LEU B 212 -6.93 -10.66 18.71
C LEU B 212 -7.65 -11.09 19.97
N ALA B 213 -7.09 -12.04 20.71
CA ALA B 213 -7.70 -12.45 21.97
C ALA B 213 -7.68 -11.32 23.00
N VAL B 214 -6.69 -10.43 22.89
CA VAL B 214 -6.64 -9.28 23.79
C VAL B 214 -7.73 -8.27 23.42
N VAL B 215 -7.81 -7.90 22.13
CA VAL B 215 -8.83 -6.93 21.72
C VAL B 215 -10.21 -7.55 21.78
N TYR B 216 -10.34 -8.82 21.38
CA TYR B 216 -11.60 -9.54 21.44
C TYR B 216 -11.54 -10.56 22.56
N PRO B 217 -12.17 -10.32 23.71
CA PRO B 217 -12.07 -11.28 24.82
C PRO B 217 -13.03 -12.45 24.71
N ASP B 218 -14.10 -12.33 23.90
CA ASP B 218 -15.09 -13.39 23.82
C ASP B 218 -14.60 -14.57 22.98
N ILE B 219 -13.87 -14.29 21.91
CA ILE B 219 -13.41 -15.36 21.02
C ILE B 219 -12.29 -16.12 21.70
N GLN B 220 -12.42 -17.45 21.76
CA GLN B 220 -11.42 -18.31 22.39
C GLN B 220 -10.51 -18.92 21.33
N PHE B 221 -9.63 -18.08 20.77
CA PHE B 221 -8.69 -18.57 19.77
C PHE B 221 -7.77 -19.61 20.37
N THR B 222 -7.60 -20.72 19.67
CA THR B 222 -6.67 -21.78 20.07
C THR B 222 -5.70 -22.02 18.94
N PHE B 223 -4.41 -21.86 19.22
CA PHE B 223 -3.35 -22.08 18.24
C PHE B 223 -2.78 -23.48 18.44
N ASN B 224 -2.93 -24.32 17.42
CA ASN B 224 -2.47 -25.72 17.47
C ASN B 224 -3.06 -26.45 18.67
N GLY B 225 -4.32 -26.16 18.97
CA GLY B 225 -5.00 -26.78 20.09
C GLY B 225 -4.67 -26.20 21.44
N LYS B 226 -3.87 -25.13 21.50
CA LYS B 226 -3.48 -24.49 22.75
C LYS B 226 -4.28 -23.20 22.91
N LYS B 227 -5.04 -23.11 24.00
CA LYS B 227 -5.83 -21.91 24.25
C LYS B 227 -4.93 -20.70 24.46
N VAL B 228 -5.33 -19.57 23.86
CA VAL B 228 -4.62 -18.31 23.99
C VAL B 228 -5.39 -17.44 24.98
N GLN B 229 -4.71 -17.01 26.03
CA GLN B 229 -5.33 -16.19 27.07
C GLN B 229 -5.15 -14.71 26.74
N GLY B 230 -6.26 -13.97 26.76
CA GLY B 230 -6.23 -12.56 26.42
C GLY B 230 -6.53 -11.64 27.58
N ASN B 231 -5.51 -10.93 28.05
CA ASN B 231 -5.65 -9.92 29.09
C ASN B 231 -4.85 -8.69 28.67
N PHE B 232 -5.53 -7.55 28.53
CA PHE B 232 -4.87 -6.37 28.00
C PHE B 232 -3.81 -5.83 28.95
N LYS B 233 -4.02 -5.98 30.26
CA LYS B 233 -3.03 -5.49 31.23
C LYS B 233 -1.69 -6.19 31.05
N LYS B 234 -1.71 -7.52 31.02
CA LYS B 234 -0.47 -8.27 30.82
C LYS B 234 0.09 -8.06 29.43
N TYR B 235 -0.76 -7.94 28.42
CA TYR B 235 -0.27 -7.68 27.06
C TYR B 235 0.47 -6.36 26.99
N ALA B 236 -0.07 -5.31 27.63
CA ALA B 236 0.61 -4.02 27.65
C ALA B 236 1.89 -4.08 28.46
N ARG B 237 1.85 -4.72 29.63
CA ARG B 237 3.04 -4.83 30.46
C ARG B 237 4.12 -5.68 29.80
N GLN B 238 3.76 -6.49 28.81
CA GLN B 238 4.77 -7.22 28.05
C GLN B 238 5.70 -6.27 27.31
N TYR B 239 5.16 -5.20 26.74
CA TYR B 239 5.99 -4.21 26.05
C TYR B 239 6.89 -3.47 27.04
N ASP B 240 6.28 -2.74 27.96
CA ASP B 240 7.00 -2.00 28.99
C ASP B 240 6.30 -2.19 30.33
N GLU B 241 7.09 -2.46 31.38
CA GLU B 241 6.49 -2.70 32.69
C GLU B 241 5.85 -1.43 33.26
N HIS B 242 6.38 -0.25 32.93
CA HIS B 242 5.85 1.01 33.41
C HIS B 242 4.85 1.64 32.45
N ALA B 243 4.28 0.85 31.54
CA ALA B 243 3.34 1.37 30.56
C ALA B 243 2.06 1.88 31.24
N ILE B 244 1.46 2.90 30.64
CA ILE B 244 0.23 3.49 31.14
C ILE B 244 -0.92 3.00 30.27
N VAL B 245 -1.96 2.46 30.91
CA VAL B 245 -3.04 1.76 30.24
C VAL B 245 -4.34 2.53 30.45
N GLN B 246 -5.08 2.75 29.36
CA GLN B 246 -6.39 3.40 29.44
C GLN B 246 -7.35 2.65 28.52
N GLU B 247 -8.42 2.11 29.08
CA GLU B 247 -9.39 1.33 28.33
C GLU B 247 -10.73 2.06 28.26
N GLN B 248 -11.31 2.10 27.06
CA GLN B 248 -12.64 2.66 26.83
C GLN B 248 -13.54 1.56 26.27
N GLU B 249 -14.77 1.96 25.90
CA GLU B 249 -15.72 0.98 25.40
C GLU B 249 -15.32 0.46 24.01
N ASN B 250 -14.72 1.32 23.19
CA ASN B 250 -14.29 0.94 21.85
C ASN B 250 -12.82 1.18 21.58
N CYS B 251 -12.09 1.80 22.52
CA CYS B 251 -10.69 2.13 22.32
C CYS B 251 -9.88 1.70 23.53
N SER B 252 -8.74 1.06 23.27
CA SER B 252 -7.82 0.65 24.32
C SER B 252 -6.41 1.12 23.95
N ILE B 253 -5.75 1.80 24.88
CA ILE B 253 -4.47 2.43 24.61
C ILE B 253 -3.46 2.03 25.69
N ALA B 254 -2.23 1.79 25.27
CA ALA B 254 -1.12 1.51 26.19
C ALA B 254 0.11 2.27 25.71
N VAL B 255 0.61 3.17 26.55
CA VAL B 255 1.74 4.03 26.21
C VAL B 255 2.97 3.54 26.96
N GLY B 256 4.08 3.38 26.25
CA GLY B 256 5.32 2.92 26.82
C GLY B 256 6.47 3.86 26.53
N ARG B 257 7.66 3.28 26.43
CA ARG B 257 8.89 4.02 26.19
C ARG B 257 9.64 3.41 25.01
N SER B 258 10.17 4.27 24.14
CA SER B 258 10.90 3.84 22.95
C SER B 258 12.29 4.46 22.93
N PRO B 259 13.36 3.67 23.05
CA PRO B 259 14.71 4.25 23.11
C PRO B 259 15.42 4.36 21.76
N ASP B 260 14.91 3.67 20.74
CA ASP B 260 15.60 3.55 19.45
C ASP B 260 14.68 3.97 18.31
N GLY B 261 14.07 5.14 18.45
CA GLY B 261 13.12 5.62 17.47
C GLY B 261 11.69 5.44 17.94
N PHE B 262 10.77 5.50 16.97
CA PHE B 262 9.35 5.37 17.26
C PHE B 262 8.85 3.98 16.90
N ARG B 263 7.95 3.46 17.73
CA ARG B 263 7.31 2.18 17.51
C ARG B 263 5.82 2.33 17.77
N GLN B 264 5.02 1.45 17.14
CA GLN B 264 3.59 1.44 17.35
C GLN B 264 3.01 0.13 16.87
N LEU B 265 1.86 -0.23 17.41
CA LEU B 265 1.08 -1.37 16.94
C LEU B 265 -0.38 -1.04 17.17
N THR B 266 -1.12 -0.84 16.09
CA THR B 266 -2.51 -0.42 16.18
C THR B 266 -3.41 -1.39 15.44
N TYR B 267 -4.63 -1.54 15.94
CA TYR B 267 -5.63 -2.44 15.37
C TYR B 267 -6.94 -1.69 15.25
N VAL B 268 -7.55 -1.74 14.07
CA VAL B 268 -8.91 -1.28 13.87
C VAL B 268 -9.77 -2.49 13.58
N ASN B 269 -10.81 -2.68 14.41
CA ASN B 269 -11.62 -3.89 14.38
C ASN B 269 -10.74 -5.12 14.54
N ASN B 270 -10.34 -5.75 13.42
CA ASN B 270 -9.45 -6.91 13.48
C ASN B 270 -8.39 -6.87 12.39
N ILE B 271 -7.97 -5.68 11.97
CA ILE B 271 -6.98 -5.52 10.91
C ILE B 271 -5.77 -4.80 11.47
N HIS B 272 -4.59 -5.37 11.26
CA HIS B 272 -3.34 -4.84 11.80
C HIS B 272 -2.75 -3.87 10.78
N THR B 273 -3.13 -2.60 10.88
CA THR B 273 -2.58 -1.56 10.01
C THR B 273 -1.19 -1.21 10.52
N LYS B 274 -0.23 -2.06 10.16
CA LYS B 274 1.14 -1.94 10.65
C LYS B 274 1.92 -0.79 10.00
N ASN B 275 1.26 0.04 9.18
CA ASN B 275 1.87 1.26 8.67
C ASN B 275 1.13 2.50 9.17
N GLY B 276 0.32 2.36 10.22
CA GLY B 276 -0.41 3.49 10.75
C GLY B 276 -1.59 3.86 9.87
N GLY B 277 -2.12 5.05 10.12
CA GLY B 277 -3.26 5.54 9.37
C GLY B 277 -3.67 6.93 9.80
N HIS B 278 -4.97 7.16 9.93
CA HIS B 278 -5.49 8.46 10.36
C HIS B 278 -5.94 8.48 11.81
N HIS B 279 -6.25 7.33 12.40
CA HIS B 279 -6.70 7.30 13.78
C HIS B 279 -5.54 7.58 14.74
N ILE B 280 -4.38 6.97 14.49
CA ILE B 280 -3.24 7.18 15.37
C ILE B 280 -2.73 8.61 15.26
N ASP B 281 -2.86 9.22 14.07
CA ASP B 281 -2.48 10.62 13.93
C ASP B 281 -3.42 11.52 14.73
N CYS B 282 -4.71 11.21 14.74
CA CYS B 282 -5.64 11.94 15.59
C CYS B 282 -5.30 11.77 17.06
N VAL B 283 -4.91 10.56 17.46
CA VAL B 283 -4.52 10.33 18.85
C VAL B 283 -3.29 11.15 19.20
N MET B 284 -2.30 11.17 18.32
CA MET B 284 -1.10 11.98 18.56
C MET B 284 -1.45 13.45 18.67
N ASP B 285 -2.30 13.96 17.78
CA ASP B 285 -2.66 15.37 17.81
C ASP B 285 -3.39 15.72 19.11
N ASP B 286 -4.35 14.89 19.51
CA ASP B 286 -5.11 15.17 20.73
C ASP B 286 -4.23 15.06 21.96
N ILE B 287 -3.28 14.12 21.97
CA ILE B 287 -2.38 13.98 23.11
C ILE B 287 -1.45 15.18 23.19
N CYS B 288 -0.86 15.58 22.06
CA CYS B 288 0.14 16.63 22.08
C CYS B 288 -0.49 17.99 22.37
N GLU B 289 -1.68 18.26 21.83
CA GLU B 289 -2.31 19.55 22.04
C GLU B 289 -2.61 19.84 23.51
N ASP B 290 -2.66 18.79 24.34
CA ASP B 290 -2.81 18.97 25.78
C ASP B 290 -1.50 18.79 26.53
N LEU B 291 -0.59 17.96 26.02
CA LEU B 291 0.67 17.72 26.72
C LEU B 291 1.62 18.90 26.59
N ILE B 292 1.75 19.47 25.40
CA ILE B 292 2.76 20.51 25.16
C ILE B 292 2.56 21.73 26.06
N PRO B 293 1.37 22.31 26.19
CA PRO B 293 1.21 23.39 27.18
C PRO B 293 1.54 22.96 28.59
N GLN B 294 1.21 21.71 28.95
CA GLN B 294 1.47 21.25 30.31
C GLN B 294 2.97 21.14 30.59
N ILE B 295 3.73 20.54 29.67
CA ILE B 295 5.17 20.44 29.89
C ILE B 295 5.82 21.81 29.81
N LYS B 296 5.31 22.69 28.95
CA LYS B 296 5.86 24.05 28.90
C LYS B 296 5.63 24.79 30.22
N ARG B 297 4.46 24.62 30.83
CA ARG B 297 4.20 25.25 32.11
C ARG B 297 4.99 24.60 33.24
N LYS B 298 5.28 23.30 33.12
CA LYS B 298 5.95 22.58 34.20
C LYS B 298 7.45 22.81 34.18
N PHE B 299 8.11 22.42 33.08
CA PHE B 299 9.57 22.45 33.01
C PHE B 299 10.11 23.67 32.27
N LYS B 300 9.23 24.56 31.80
CA LYS B 300 9.64 25.81 31.15
C LYS B 300 10.55 25.55 29.95
N ILE B 301 10.17 24.55 29.15
CA ILE B 301 10.90 24.20 27.93
C ILE B 301 9.90 24.08 26.78
N ASP B 302 10.41 24.21 25.56
CA ASP B 302 9.62 24.10 24.36
C ASP B 302 10.07 22.87 23.57
N VAL B 303 9.15 21.94 23.32
CA VAL B 303 9.44 20.71 22.61
C VAL B 303 8.42 20.54 21.50
N THR B 304 8.89 20.13 20.32
CA THR B 304 8.01 19.93 19.18
C THR B 304 7.23 18.63 19.33
N LYS B 305 6.18 18.49 18.52
CA LYS B 305 5.34 17.30 18.58
C LYS B 305 6.12 16.04 18.22
N ALA B 306 6.96 16.11 17.18
CA ALA B 306 7.68 14.94 16.71
C ALA B 306 8.68 14.44 17.76
N ARG B 307 9.35 15.36 18.46
CA ARG B 307 10.33 14.96 19.46
C ARG B 307 9.68 14.17 20.60
N VAL B 308 8.51 14.63 21.07
CA VAL B 308 7.80 13.88 22.10
C VAL B 308 7.27 12.57 21.55
N LYS B 309 6.73 12.60 20.32
CA LYS B 309 6.09 11.41 19.76
C LYS B 309 7.10 10.28 19.54
N GLU B 310 8.29 10.61 19.05
CA GLU B 310 9.23 9.57 18.62
C GLU B 310 9.83 8.78 19.77
N CYS B 311 9.59 9.19 21.01
CA CYS B 311 10.12 8.48 22.17
C CYS B 311 9.08 7.58 22.84
N LEU B 312 7.96 7.33 22.18
CA LEU B 312 6.87 6.55 22.74
C LEU B 312 6.65 5.28 21.93
N THR B 313 6.08 4.27 22.58
CA THR B 313 5.55 3.07 21.93
C THR B 313 4.09 2.91 22.37
N ILE B 314 3.18 3.12 21.43
CA ILE B 314 1.75 3.12 21.73
C ILE B 314 1.10 1.91 21.07
N VAL B 315 0.35 1.14 21.86
CA VAL B 315 -0.45 0.03 21.37
C VAL B 315 -1.90 0.45 21.47
N MET B 316 -2.58 0.49 20.33
CA MET B 316 -3.95 0.98 20.24
C MET B 316 -4.84 -0.08 19.61
N PHE B 317 -6.00 -0.30 20.23
CA PHE B 317 -6.98 -1.27 19.74
C PHE B 317 -8.32 -0.59 19.58
N VAL B 318 -8.91 -0.72 18.39
CA VAL B 318 -10.19 -0.11 18.04
C VAL B 318 -11.14 -1.22 17.62
N ARG B 319 -12.37 -1.15 18.12
CA ARG B 319 -13.41 -2.11 17.78
C ARG B 319 -14.59 -1.39 17.13
N ASP B 320 -15.48 -2.21 16.56
CA ASP B 320 -16.76 -1.79 15.95
C ASP B 320 -16.67 -0.44 15.24
N MET B 321 -15.66 -0.32 14.39
CA MET B 321 -15.48 0.89 13.58
C MET B 321 -16.15 0.67 12.22
N LYS B 322 -17.07 1.55 11.88
CA LYS B 322 -17.90 1.40 10.68
C LYS B 322 -17.41 2.30 9.57
N ASN B 323 -17.59 1.82 8.33
CA ASN B 323 -17.17 2.52 7.11
C ASN B 323 -15.67 2.83 7.15
N MET B 324 -14.89 1.76 7.15
CA MET B 324 -13.44 1.84 7.12
C MET B 324 -12.92 1.42 5.76
N ARG B 325 -11.97 2.19 5.23
CA ARG B 325 -11.37 1.89 3.95
C ARG B 325 -9.86 1.78 4.07
N PHE B 326 -9.20 1.25 3.05
CA PHE B 326 -7.75 1.04 3.11
C PHE B 326 -7.16 1.32 1.73
N ASP B 327 -5.98 1.93 1.70
CA ASP B 327 -5.32 2.30 0.45
C ASP B 327 -4.81 1.08 -0.30
N SER B 328 -4.63 -0.04 0.41
CA SER B 328 -4.12 -1.26 -0.21
C SER B 328 -5.02 -2.42 0.14
N GLN B 329 -4.98 -3.45 -0.71
CA GLN B 329 -5.74 -4.67 -0.43
C GLN B 329 -5.27 -5.33 0.85
N THR B 330 -3.98 -5.21 1.18
CA THR B 330 -3.47 -5.74 2.44
C THR B 330 -4.02 -5.01 3.65
N LYS B 331 -4.66 -3.85 3.45
CA LYS B 331 -5.28 -3.08 4.52
C LYS B 331 -4.26 -2.75 5.62
N GLU B 332 -3.23 -2.01 5.23
CA GLU B 332 -2.18 -1.59 6.15
C GLU B 332 -2.16 -0.08 6.34
N ARG B 333 -3.23 0.61 5.94
CA ARG B 333 -3.36 2.05 6.19
C ARG B 333 -4.84 2.39 6.13
N LEU B 334 -5.41 2.77 7.27
CA LEU B 334 -6.82 3.13 7.34
C LEU B 334 -6.99 4.54 6.79
N THR B 335 -7.65 4.66 5.65
CA THR B 335 -7.80 5.94 4.96
C THR B 335 -9.20 6.52 5.12
N SER B 336 -9.87 6.22 6.22
CA SER B 336 -11.15 6.87 6.49
C SER B 336 -10.92 8.35 6.81
N PRO B 337 -11.91 9.20 6.54
CA PRO B 337 -11.75 10.62 6.83
C PRO B 337 -11.49 10.86 8.31
N PHE B 338 -10.71 11.90 8.59
CA PHE B 338 -10.35 12.22 9.98
C PHE B 338 -11.59 12.48 10.83
N GLY B 339 -12.59 13.16 10.25
CA GLY B 339 -13.79 13.48 11.02
C GLY B 339 -14.56 12.26 11.46
N GLU B 340 -14.73 11.28 10.56
CA GLU B 340 -15.46 10.08 10.91
C GLU B 340 -14.77 9.31 12.02
N ILE B 341 -13.45 9.17 11.94
CA ILE B 341 -12.70 8.46 12.98
C ILE B 341 -12.79 9.21 14.30
N ARG B 342 -12.65 10.54 14.26
CA ARG B 342 -12.74 11.33 15.49
C ARG B 342 -14.13 11.21 16.11
N SER B 343 -15.18 11.17 15.28
CA SER B 343 -16.52 10.99 15.81
C SER B 343 -16.70 9.61 16.42
N HIS B 344 -16.16 8.56 15.76
CA HIS B 344 -16.33 7.22 16.28
C HIS B 344 -15.51 6.98 17.53
N ILE B 345 -14.25 7.43 17.53
CA ILE B 345 -13.37 7.24 18.68
C ILE B 345 -13.69 8.31 19.72
N GLN B 346 -14.02 7.89 20.93
CA GLN B 346 -14.35 8.79 22.03
C GLN B 346 -13.19 8.90 23.03
N LEU B 347 -11.96 8.92 22.52
CA LEU B 347 -10.78 9.00 23.38
C LEU B 347 -10.76 10.31 24.15
N ASP B 348 -10.45 10.22 25.43
CA ASP B 348 -10.23 11.39 26.30
C ASP B 348 -8.72 11.59 26.43
N ALA B 349 -8.17 12.48 25.61
CA ALA B 349 -6.73 12.70 25.61
C ALA B 349 -6.23 13.43 26.85
N LYS B 350 -7.09 14.20 27.51
CA LYS B 350 -6.66 14.91 28.71
C LYS B 350 -6.28 13.93 29.83
N LYS B 351 -7.01 12.83 29.95
CA LYS B 351 -6.70 11.84 30.98
C LYS B 351 -5.33 11.22 30.77
N ILE B 352 -5.05 10.76 29.55
CA ILE B 352 -3.76 10.14 29.28
C ILE B 352 -2.64 11.16 29.37
N SER B 353 -2.89 12.41 28.94
CA SER B 353 -1.87 13.44 29.08
C SER B 353 -1.54 13.71 30.54
N ARG B 354 -2.56 13.79 31.39
CA ARG B 354 -2.32 13.97 32.82
C ARG B 354 -1.58 12.78 33.41
N ALA B 355 -1.95 11.57 33.00
CA ALA B 355 -1.31 10.37 33.53
C ALA B 355 0.16 10.31 33.14
N ILE B 356 0.48 10.63 31.88
CA ILE B 356 1.87 10.60 31.43
C ILE B 356 2.66 11.75 32.06
N LEU B 357 2.00 12.88 32.32
CA LEU B 357 2.67 13.97 33.03
C LEU B 357 2.98 13.58 34.47
N ASN B 358 2.05 12.89 35.13
CA ASN B 358 2.22 12.49 36.52
C ASN B 358 3.18 11.32 36.69
N ASN B 359 3.68 10.75 35.59
CA ASN B 359 4.64 9.66 35.65
C ASN B 359 6.03 10.20 35.33
N GLU B 360 7.00 9.88 36.18
CA GLU B 360 8.37 10.32 36.02
C GLU B 360 9.27 9.27 35.38
N ALA B 361 8.69 8.18 34.87
CA ALA B 361 9.47 7.10 34.26
C ALA B 361 9.46 7.14 32.74
N ILE B 362 8.58 7.92 32.12
CA ILE B 362 8.48 8.02 30.66
C ILE B 362 8.70 9.43 30.16
N LEU B 363 8.11 10.42 30.83
CA LEU B 363 8.31 11.80 30.44
C LEU B 363 9.73 12.28 30.77
N MET B 364 10.30 11.79 31.87
CA MET B 364 11.63 12.25 32.26
C MET B 364 12.70 11.90 31.23
N PRO B 365 12.70 10.73 30.58
CA PRO B 365 13.67 10.53 29.48
C PRO B 365 13.51 11.54 28.36
N ILE B 366 12.28 11.89 28.01
CA ILE B 366 12.05 12.88 26.96
C ILE B 366 12.61 14.23 27.37
N ILE B 367 12.34 14.64 28.61
CA ILE B 367 12.81 15.94 29.08
C ILE B 367 14.33 15.95 29.18
N GLU B 368 14.93 14.84 29.62
CA GLU B 368 16.38 14.76 29.70
C GLU B 368 17.02 14.83 28.32
N ALA B 369 16.42 14.16 27.33
CA ALA B 369 16.91 14.27 25.96
C ALA B 369 16.80 15.69 25.43
N ALA B 370 15.69 16.37 25.76
CA ALA B 370 15.52 17.76 25.35
C ALA B 370 16.58 18.66 25.97
N LEU B 371 16.87 18.45 27.26
CA LEU B 371 17.88 19.27 27.93
C LEU B 371 19.28 18.95 27.44
N ALA B 372 19.52 17.71 27.00
CA ALA B 372 20.85 17.34 26.52
C ALA B 372 21.23 18.13 25.28
N ARG B 373 20.31 18.30 24.35
CA ARG B 373 20.57 19.07 23.14
C ARG B 373 20.35 20.56 23.39
PG ANP C . -0.30 0.50 -15.12
O1G ANP C . 0.19 1.76 -14.46
O2G ANP C . 0.48 -0.75 -14.85
O3G ANP C . -1.75 0.31 -14.93
PB ANP C . -1.05 -0.11 -17.98
O1B ANP C . -0.74 0.41 -19.34
O2B ANP C . -0.70 -1.56 -17.77
N3B ANP C . -0.11 0.77 -16.83
PA ANP C . -3.48 1.26 -18.45
O1A ANP C . -4.88 1.29 -17.98
O2A ANP C . -2.76 2.56 -18.42
O3A ANP C . -2.62 0.13 -17.71
O5' ANP C . -3.48 0.77 -19.96
C5' ANP C . -3.20 1.73 -20.96
C4' ANP C . -2.87 1.09 -22.29
O4' ANP C . -2.95 2.13 -23.24
C3' ANP C . -1.47 0.50 -22.38
O3' ANP C . -1.55 -0.85 -22.85
C2' ANP C . -0.72 1.35 -23.37
O2' ANP C . -0.19 0.55 -24.40
C1' ANP C . -1.75 2.27 -23.98
N9 ANP C . -1.38 3.71 -23.99
C8 ANP C . -1.81 4.64 -23.12
N7 ANP C . -1.31 5.86 -23.44
C5 ANP C . -0.55 5.70 -24.54
C6 ANP C . 0.25 6.56 -25.40
N6 ANP C . 0.35 7.87 -25.13
N1 ANP C . 0.88 6.01 -26.46
C2 ANP C . 0.76 4.71 -26.72
N3 ANP C . 0.05 3.86 -25.98
C4 ANP C . -0.61 4.29 -24.90
MG MG D . 2.13 3.91 -14.12
PG ANP E . -11.86 -9.28 2.48
O1G ANP E . -10.55 -9.29 1.78
O2G ANP E . -11.73 -9.38 3.96
O3G ANP E . -12.82 -8.23 2.03
PB ANP E . -14.25 -11.11 2.05
O1B ANP E . -15.02 -9.94 1.52
O2B ANP E . -14.60 -11.59 3.41
N3B ANP E . -12.55 -10.80 1.98
PA ANP E . -13.64 -13.65 1.22
O1A ANP E . -12.64 -13.43 2.30
O2A ANP E . -13.20 -14.21 -0.08
O3A ANP E . -14.47 -12.29 1.02
O5' ANP E . -14.83 -14.59 1.68
C5' ANP E . -15.92 -14.70 0.77
C4' ANP E . -17.22 -14.22 1.42
O4' ANP E . -17.92 -15.36 1.89
C3' ANP E . -17.01 -13.33 2.61
O3' ANP E . -17.25 -11.96 2.30
C2' ANP E . -18.03 -13.81 3.58
O2' ANP E . -19.25 -13.17 3.25
C1' ANP E . -18.21 -15.26 3.27
N9 ANP E . -17.26 -16.15 3.96
C8 ANP E . -16.16 -16.69 3.42
N7 ANP E . -15.52 -17.48 4.29
C5 ANP E . -16.22 -17.48 5.43
C6 ANP E . -16.08 -18.12 6.75
N6 ANP E . -15.04 -18.94 7.01
N1 ANP E . -17.03 -17.86 7.66
C2 ANP E . -18.06 -17.05 7.40
N3 ANP E . -18.24 -16.44 6.23
C4 ANP E . -17.36 -16.61 5.21
#